data_1E3S
#
_entry.id   1E3S
#
_cell.length_a   59.280
_cell.length_b   68.960
_cell.length_c   69.550
_cell.angle_alpha   64.84
_cell.angle_beta   72.51
_cell.angle_gamma   74.98
#
_symmetry.space_group_name_H-M   'P 1'
#
loop_
_entity.id
_entity.type
_entity.pdbx_description
1 polymer 'SHORT CHAIN 3-HYDROXYACYL-COA DEHYDROGENASE'
2 non-polymer NICOTINAMIDE-ADENINE-DINUCLEOTIDE
3 water water
#
_entity_poly.entity_id   1
_entity_poly.type   'polypeptide(L)'
_entity_poly.pdbx_seq_one_letter_code
;MAAAVRSVKGLVAVITGGASGLGLSTAKRLVGQGATAVLLDVPNSEGETEAKKLGGNCIFAPANVTSEKEVQAALTLAKE
KFGRIDVAVNCAGIAVAIKTYHEKKNQVHTLEDFQRVINVNLIGTFNVIRLVAGVMGQNEPDQGGQRGVIINTASVAAFE
GQVGQAAYSASKGGIVGMTLPIARDLAPIGIRVVTIAPGLFATPLLTTLPDKVRNFLASQVPFPSRLGDPAEYAHLVQMV
IENPFLNGEVIRLDGAIRMQP
;
_entity_poly.pdbx_strand_id   A,B,C,D
#
loop_
_chem_comp.id
_chem_comp.type
_chem_comp.name
_chem_comp.formula
NAD non-polymer NICOTINAMIDE-ADENINE-DINUCLEOTIDE 'C21 H27 N7 O14 P2'
#
# COMPACT_ATOMS: atom_id res chain seq x y z
N SER A 7 -27.43 15.00 -0.96
CA SER A 7 -28.39 15.05 -2.10
C SER A 7 -27.78 15.08 -3.49
N VAL A 8 -28.31 14.25 -4.38
CA VAL A 8 -27.84 14.22 -5.76
C VAL A 8 -28.92 14.78 -6.68
N LYS A 9 -29.99 15.28 -6.05
CA LYS A 9 -31.16 15.76 -6.76
C LYS A 9 -30.80 16.80 -7.82
N GLY A 10 -31.21 16.61 -9.07
CA GLY A 10 -30.92 17.51 -10.18
C GLY A 10 -29.54 17.39 -10.81
N LEU A 11 -28.60 16.59 -10.27
CA LEU A 11 -27.28 16.47 -10.89
C LEU A 11 -27.36 15.67 -12.17
N VAL A 12 -26.48 15.89 -13.15
CA VAL A 12 -26.48 15.14 -14.39
C VAL A 12 -25.27 14.16 -14.42
N ALA A 13 -25.55 12.86 -14.56
CA ALA A 13 -24.47 11.85 -14.59
C ALA A 13 -24.33 11.04 -15.88
N VAL A 14 -23.10 10.87 -16.37
CA VAL A 14 -22.88 9.97 -17.52
C VAL A 14 -22.25 8.69 -16.97
N ILE A 15 -22.89 7.53 -17.20
CA ILE A 15 -22.39 6.25 -16.67
C ILE A 15 -21.98 5.24 -17.75
N THR A 16 -20.68 4.98 -17.90
CA THR A 16 -20.23 4.03 -18.93
C THR A 16 -20.48 2.61 -18.41
N GLY A 17 -20.78 1.68 -19.33
CA GLY A 17 -21.17 0.33 -18.94
C GLY A 17 -22.52 0.37 -18.21
N GLY A 18 -23.37 1.35 -18.53
CA GLY A 18 -24.65 1.52 -17.87
C GLY A 18 -25.78 0.61 -18.24
N ALA A 19 -25.64 -0.27 -19.23
CA ALA A 19 -26.73 -1.16 -19.61
C ALA A 19 -26.83 -2.40 -18.75
N SER A 20 -25.85 -2.70 -17.91
CA SER A 20 -25.77 -3.90 -17.11
C SER A 20 -25.02 -3.77 -15.79
N GLY A 21 -25.14 -4.75 -14.91
CA GLY A 21 -24.43 -4.87 -13.66
C GLY A 21 -24.24 -3.63 -12.80
N LEU A 22 -22.98 -3.31 -12.43
CA LEU A 22 -22.72 -2.18 -11.55
C LEU A 22 -23.13 -0.81 -12.13
N GLY A 23 -22.89 -0.61 -13.43
CA GLY A 23 -23.33 0.69 -13.98
C GLY A 23 -24.86 0.79 -13.99
N LEU A 24 -25.57 -0.29 -14.31
CA LEU A 24 -27.03 -0.17 -14.32
C LEU A 24 -27.63 0.11 -12.95
N SER A 25 -27.13 -0.62 -11.94
CA SER A 25 -27.58 -0.45 -10.56
C SER A 25 -27.28 0.94 -10.05
N THR A 26 -26.16 1.56 -10.54
CA THR A 26 -25.86 2.94 -10.19
C THR A 26 -26.88 3.92 -10.75
N ALA A 27 -27.25 3.71 -12.01
CA ALA A 27 -28.25 4.53 -12.67
C ALA A 27 -29.59 4.41 -11.96
N LYS A 28 -30.03 3.21 -11.60
CA LYS A 28 -31.29 3.03 -10.89
C LYS A 28 -31.34 3.82 -9.59
N ARG A 29 -30.26 3.77 -8.79
CA ARG A 29 -30.24 4.52 -7.53
C ARG A 29 -30.25 6.03 -7.73
N LEU A 30 -29.37 6.56 -8.56
CA LEU A 30 -29.33 8.01 -8.80
C LEU A 30 -30.64 8.54 -9.38
N VAL A 31 -31.25 7.88 -10.35
CA VAL A 31 -32.53 8.36 -10.93
C VAL A 31 -33.62 8.29 -9.85
N GLY A 32 -33.61 7.29 -8.99
CA GLY A 32 -34.49 7.14 -7.85
C GLY A 32 -34.38 8.29 -6.85
N GLN A 33 -33.22 8.90 -6.71
CA GLN A 33 -32.97 10.03 -5.84
C GLN A 33 -33.12 11.38 -6.53
N GLY A 34 -33.69 11.44 -7.73
CA GLY A 34 -33.88 12.70 -8.43
C GLY A 34 -32.82 13.14 -9.42
N ALA A 35 -31.80 12.32 -9.74
CA ALA A 35 -30.79 12.78 -10.68
C ALA A 35 -31.14 12.43 -12.12
N THR A 36 -30.41 12.95 -13.10
CA THR A 36 -30.65 12.53 -14.49
C THR A 36 -29.46 11.65 -14.88
N ALA A 37 -29.70 10.60 -15.67
CA ALA A 37 -28.61 9.71 -16.07
C ALA A 37 -28.56 9.44 -17.56
N VAL A 38 -27.34 9.37 -18.11
CA VAL A 38 -27.13 8.98 -19.51
C VAL A 38 -26.38 7.65 -19.51
N LEU A 39 -26.92 6.59 -20.08
CA LEU A 39 -26.24 5.31 -20.13
C LEU A 39 -25.37 5.19 -21.38
N LEU A 40 -24.04 5.11 -21.25
CA LEU A 40 -23.14 4.98 -22.38
C LEU A 40 -22.69 3.52 -22.47
N ASP A 41 -23.07 2.83 -23.57
CA ASP A 41 -22.78 1.41 -23.75
C ASP A 41 -22.89 1.05 -25.24
N VAL A 42 -22.40 -0.13 -25.59
CA VAL A 42 -22.38 -0.50 -27.02
C VAL A 42 -23.78 -0.73 -27.58
N PRO A 43 -23.89 -0.60 -28.91
CA PRO A 43 -25.15 -0.76 -29.62
C PRO A 43 -25.84 -2.08 -29.42
N ASN A 44 -25.13 -3.20 -29.31
CA ASN A 44 -25.66 -4.52 -29.10
C ASN A 44 -26.09 -4.84 -27.68
N SER A 45 -26.00 -3.87 -26.77
CA SER A 45 -26.40 -4.10 -25.38
C SER A 45 -27.91 -3.85 -25.28
N GLU A 46 -28.44 -3.98 -24.08
CA GLU A 46 -29.80 -3.69 -23.70
C GLU A 46 -29.98 -2.25 -23.25
N GLY A 47 -29.10 -1.32 -23.60
CA GLY A 47 -29.20 0.06 -23.16
C GLY A 47 -30.57 0.70 -23.34
N GLU A 48 -31.08 0.59 -24.58
CA GLU A 48 -32.31 1.32 -24.94
C GLU A 48 -33.49 0.88 -24.10
N THR A 49 -33.67 -0.42 -23.88
CA THR A 49 -34.84 -0.81 -23.07
C THR A 49 -34.63 -0.56 -21.59
N GLU A 50 -33.39 -0.58 -21.06
CA GLU A 50 -33.24 -0.17 -19.66
C GLU A 50 -33.51 1.31 -19.47
N ALA A 51 -33.12 2.16 -20.41
CA ALA A 51 -33.32 3.59 -20.31
C ALA A 51 -34.82 3.96 -20.38
N LYS A 52 -35.59 3.21 -21.13
CA LYS A 52 -37.03 3.38 -21.26
C LYS A 52 -37.73 2.92 -19.99
N LYS A 53 -37.33 1.78 -19.41
CA LYS A 53 -37.88 1.37 -18.11
C LYS A 53 -37.62 2.36 -16.98
N LEU A 54 -36.48 3.04 -16.97
CA LEU A 54 -36.17 4.02 -15.96
C LEU A 54 -36.85 5.37 -16.14
N GLY A 55 -37.50 5.68 -17.28
CA GLY A 55 -38.26 6.90 -17.44
C GLY A 55 -37.67 8.00 -18.26
N GLY A 56 -38.29 9.19 -18.25
CA GLY A 56 -37.83 10.35 -18.97
C GLY A 56 -36.58 11.02 -18.44
N ASN A 57 -36.13 10.68 -17.22
CA ASN A 57 -34.86 11.24 -16.75
C ASN A 57 -33.69 10.28 -16.98
N CYS A 58 -33.84 9.29 -17.86
CA CYS A 58 -32.76 8.38 -18.24
C CYS A 58 -32.73 8.10 -19.74
N ILE A 59 -31.67 8.48 -20.44
CA ILE A 59 -31.55 8.21 -21.88
C ILE A 59 -30.35 7.33 -22.21
N PHE A 60 -30.40 6.65 -23.37
CA PHE A 60 -29.32 5.83 -23.88
C PHE A 60 -28.51 6.50 -24.99
N ALA A 61 -27.17 6.45 -24.89
CA ALA A 61 -26.28 6.96 -25.93
C ALA A 61 -25.26 5.88 -26.31
N PRO A 62 -25.47 5.23 -27.46
CA PRO A 62 -24.57 4.20 -27.94
C PRO A 62 -23.19 4.72 -28.30
N ALA A 63 -22.14 4.09 -27.72
CA ALA A 63 -20.77 4.47 -27.93
C ALA A 63 -19.77 3.44 -27.38
N ASN A 64 -18.70 3.19 -28.12
CA ASN A 64 -17.61 2.32 -27.66
C ASN A 64 -16.62 3.23 -26.95
N VAL A 65 -16.21 2.96 -25.71
CA VAL A 65 -15.26 3.85 -25.02
C VAL A 65 -13.89 3.97 -25.64
N THR A 66 -13.47 3.08 -26.55
CA THR A 66 -12.18 3.24 -27.18
C THR A 66 -12.20 4.21 -28.37
N SER A 67 -13.40 4.65 -28.77
CA SER A 67 -13.50 5.60 -29.90
C SER A 67 -13.61 7.03 -29.47
N GLU A 68 -12.69 7.92 -29.90
CA GLU A 68 -12.77 9.34 -29.61
C GLU A 68 -14.07 9.97 -30.13
N LYS A 69 -14.40 9.69 -31.39
CA LYS A 69 -15.58 10.27 -32.03
C LYS A 69 -16.89 9.88 -31.38
N GLU A 70 -17.09 8.61 -31.05
CA GLU A 70 -18.36 8.17 -30.47
C GLU A 70 -18.50 8.67 -29.02
N VAL A 71 -17.40 8.76 -28.26
CA VAL A 71 -17.51 9.29 -26.88
C VAL A 71 -17.82 10.79 -26.93
N GLN A 72 -17.12 11.54 -27.79
CA GLN A 72 -17.45 12.94 -27.98
C GLN A 72 -18.93 13.17 -28.35
N ALA A 73 -19.50 12.41 -29.24
CA ALA A 73 -20.89 12.54 -29.64
C ALA A 73 -21.83 12.22 -28.47
N ALA A 74 -21.52 11.20 -27.67
CA ALA A 74 -22.35 10.90 -26.49
C ALA A 74 -22.35 12.03 -25.49
N LEU A 75 -21.21 12.69 -25.22
CA LEU A 75 -21.14 13.80 -24.29
C LEU A 75 -21.87 15.04 -24.84
N THR A 76 -21.76 15.30 -26.15
CA THR A 76 -22.51 16.39 -26.78
C THR A 76 -24.01 16.16 -26.62
N LEU A 77 -24.50 14.95 -26.85
CA LEU A 77 -25.92 14.64 -26.64
C LEU A 77 -26.39 14.91 -25.22
N ALA A 78 -25.61 14.51 -24.23
CA ALA A 78 -25.92 14.71 -22.82
C ALA A 78 -26.04 16.19 -22.46
N LYS A 79 -25.11 17.02 -22.94
CA LYS A 79 -25.09 18.46 -22.68
C LYS A 79 -26.22 19.19 -23.40
N GLU A 80 -26.53 18.75 -24.61
CA GLU A 80 -27.65 19.22 -25.41
C GLU A 80 -28.99 18.96 -24.70
N LYS A 81 -29.24 17.72 -24.31
CA LYS A 81 -30.46 17.28 -23.66
C LYS A 81 -30.66 17.82 -22.24
N PHE A 82 -29.62 17.78 -21.41
CA PHE A 82 -29.75 18.16 -20.01
C PHE A 82 -29.08 19.46 -19.61
N GLY A 83 -28.38 20.14 -20.50
CA GLY A 83 -27.72 21.40 -20.21
C GLY A 83 -26.33 21.42 -19.62
N ARG A 84 -25.87 20.32 -19.00
CA ARG A 84 -24.54 20.33 -18.38
C ARG A 84 -24.18 18.89 -18.01
N ILE A 85 -22.96 18.66 -17.51
CA ILE A 85 -22.58 17.31 -17.04
C ILE A 85 -21.94 17.54 -15.65
N ASP A 86 -22.44 16.90 -14.60
CA ASP A 86 -21.85 17.11 -13.27
C ASP A 86 -21.06 15.91 -12.76
N VAL A 87 -21.39 14.70 -13.15
CA VAL A 87 -20.77 13.48 -12.62
C VAL A 87 -20.50 12.49 -13.75
N ALA A 88 -19.34 11.84 -13.71
CA ALA A 88 -19.05 10.77 -14.66
C ALA A 88 -18.61 9.51 -13.88
N VAL A 89 -19.16 8.35 -14.24
CA VAL A 89 -18.84 7.07 -13.59
C VAL A 89 -18.33 6.04 -14.60
N ASN A 90 -17.08 5.57 -14.48
CA ASN A 90 -16.56 4.59 -15.47
C ASN A 90 -16.78 3.16 -15.02
N CYS A 91 -17.71 2.42 -15.62
CA CYS A 91 -17.99 1.02 -15.28
C CYS A 91 -17.79 0.11 -16.52
N ALA A 92 -17.60 0.66 -17.73
CA ALA A 92 -17.36 -0.19 -18.90
C ALA A 92 -16.07 -1.02 -18.73
N GLY A 93 -16.13 -2.32 -18.97
CA GLY A 93 -14.94 -3.17 -18.80
C GLY A 93 -15.16 -4.60 -19.25
N ILE A 94 -14.09 -5.34 -19.55
CA ILE A 94 -14.11 -6.73 -19.96
C ILE A 94 -13.08 -7.54 -19.18
N ALA A 95 -13.16 -8.87 -19.23
CA ALA A 95 -12.15 -9.69 -18.51
C ALA A 95 -11.76 -10.94 -19.28
N VAL A 96 -10.59 -11.52 -19.03
CA VAL A 96 -10.15 -12.77 -19.64
C VAL A 96 -9.44 -13.59 -18.54
N ALA A 97 -9.32 -14.90 -18.71
CA ALA A 97 -8.60 -15.77 -17.80
C ALA A 97 -7.60 -16.60 -18.60
N ILE A 98 -6.39 -16.09 -18.77
CA ILE A 98 -5.32 -16.68 -19.56
C ILE A 98 -3.95 -16.58 -18.85
N LYS A 99 -3.26 -17.71 -18.66
CA LYS A 99 -1.94 -17.65 -17.99
C LYS A 99 -0.91 -17.04 -18.91
N THR A 100 0.15 -16.46 -18.33
CA THR A 100 1.27 -15.88 -19.05
C THR A 100 1.95 -16.96 -19.89
N TYR A 101 2.11 -18.13 -19.30
CA TYR A 101 2.66 -19.30 -20.02
C TYR A 101 1.97 -20.53 -19.43
N HIS A 102 1.26 -21.29 -20.29
CA HIS A 102 0.51 -22.45 -19.89
C HIS A 102 1.13 -23.81 -20.21
N GLU A 103 1.47 -24.53 -19.16
CA GLU A 103 2.04 -25.87 -19.18
C GLU A 103 1.39 -26.93 -20.04
N LYS A 104 0.40 -27.64 -19.56
CA LYS A 104 -0.31 -28.70 -20.23
C LYS A 104 -0.55 -28.52 -21.71
N LYS A 105 -0.88 -27.32 -22.19
CA LYS A 105 -1.11 -27.06 -23.59
C LYS A 105 0.08 -26.44 -24.30
N ASN A 106 1.15 -26.13 -23.56
CA ASN A 106 2.30 -25.45 -24.12
C ASN A 106 1.92 -24.17 -24.88
N GLN A 107 1.06 -23.32 -24.33
CA GLN A 107 0.51 -22.17 -25.01
C GLN A 107 0.97 -20.85 -24.37
N VAL A 108 1.51 -19.93 -25.14
CA VAL A 108 1.92 -18.63 -24.59
C VAL A 108 0.76 -17.65 -24.75
N HIS A 109 0.54 -16.79 -23.76
CA HIS A 109 -0.43 -15.73 -23.80
C HIS A 109 -0.24 -14.90 -25.09
N THR A 110 -1.26 -14.64 -25.89
CA THR A 110 -0.98 -13.84 -27.09
C THR A 110 -0.81 -12.37 -26.76
N LEU A 111 -0.09 -11.63 -27.61
CA LEU A 111 0.07 -10.21 -27.42
C LEU A 111 -1.24 -9.46 -27.65
N GLU A 112 -2.03 -9.94 -28.61
CA GLU A 112 -3.31 -9.38 -28.99
C GLU A 112 -4.35 -9.48 -27.87
N ASP A 113 -4.36 -10.59 -27.13
CA ASP A 113 -5.31 -10.68 -26.00
C ASP A 113 -4.98 -9.71 -24.88
N PHE A 114 -3.68 -9.47 -24.61
CA PHE A 114 -3.27 -8.51 -23.57
C PHE A 114 -3.63 -7.10 -24.02
N GLN A 115 -3.25 -6.71 -25.22
CA GLN A 115 -3.59 -5.46 -25.88
C GLN A 115 -5.08 -5.11 -25.84
N ARG A 116 -5.97 -6.02 -26.16
CA ARG A 116 -7.41 -5.77 -26.11
C ARG A 116 -7.98 -5.43 -24.73
N VAL A 117 -7.55 -6.13 -23.67
CA VAL A 117 -7.98 -5.82 -22.32
C VAL A 117 -7.49 -4.46 -21.85
N ILE A 118 -6.24 -4.10 -22.12
CA ILE A 118 -5.66 -2.80 -21.82
C ILE A 118 -6.43 -1.70 -22.55
N ASN A 119 -6.75 -1.90 -23.82
CA ASN A 119 -7.44 -0.92 -24.65
C ASN A 119 -8.82 -0.58 -24.10
N VAL A 120 -9.69 -1.54 -23.82
CA VAL A 120 -11.03 -1.26 -23.29
C VAL A 120 -11.00 -0.74 -21.85
N ASN A 121 -10.27 -1.39 -20.96
CA ASN A 121 -10.31 -1.08 -19.53
C ASN A 121 -9.53 0.16 -19.10
N LEU A 122 -8.27 0.28 -19.54
CA LEU A 122 -7.41 1.41 -19.19
C LEU A 122 -7.42 2.58 -20.20
N ILE A 123 -7.12 2.37 -21.48
CA ILE A 123 -7.24 3.45 -22.48
C ILE A 123 -8.66 3.98 -22.62
N GLY A 124 -9.71 3.19 -22.60
CA GLY A 124 -11.11 3.64 -22.66
C GLY A 124 -11.55 4.47 -21.45
N THR A 125 -11.11 4.15 -20.23
CA THR A 125 -11.35 4.98 -19.05
C THR A 125 -10.62 6.32 -19.14
N PHE A 126 -9.35 6.39 -19.58
CA PHE A 126 -8.68 7.68 -19.77
C PHE A 126 -9.36 8.54 -20.86
N ASN A 127 -9.83 7.94 -21.93
CA ASN A 127 -10.51 8.63 -23.02
C ASN A 127 -11.81 9.31 -22.54
N VAL A 128 -12.61 8.63 -21.71
CA VAL A 128 -13.79 9.27 -21.12
C VAL A 128 -13.35 10.39 -20.17
N ILE A 129 -12.37 10.19 -19.30
CA ILE A 129 -11.87 11.20 -18.38
C ILE A 129 -11.42 12.48 -19.08
N ARG A 130 -10.50 12.39 -20.03
CA ARG A 130 -9.96 13.52 -20.76
C ARG A 130 -11.06 14.34 -21.43
N LEU A 131 -12.01 13.74 -22.10
CA LEU A 131 -13.07 14.48 -22.79
C LEU A 131 -14.12 15.04 -21.85
N VAL A 132 -14.50 14.36 -20.77
CA VAL A 132 -15.53 14.87 -19.86
C VAL A 132 -14.96 15.99 -19.00
N ALA A 133 -13.65 16.03 -18.73
CA ALA A 133 -13.08 17.10 -17.91
C ALA A 133 -13.28 18.49 -18.52
N GLY A 134 -13.13 18.60 -19.84
CA GLY A 134 -13.32 19.88 -20.54
C GLY A 134 -14.77 20.32 -20.45
N VAL A 135 -15.75 19.42 -20.53
CA VAL A 135 -17.16 19.76 -20.42
C VAL A 135 -17.53 20.20 -19.00
N MET A 136 -16.98 19.50 -18.00
CA MET A 136 -17.22 19.89 -16.60
C MET A 136 -16.60 21.26 -16.34
N GLY A 137 -15.44 21.54 -16.94
CA GLY A 137 -14.78 22.82 -16.82
C GLY A 137 -15.66 24.01 -17.25
N GLN A 138 -16.68 23.81 -18.06
CA GLN A 138 -17.60 24.85 -18.50
C GLN A 138 -18.55 25.28 -17.38
N ASN A 139 -18.77 24.41 -16.38
CA ASN A 139 -19.72 24.75 -15.33
C ASN A 139 -19.21 25.87 -14.42
N GLU A 140 -20.11 26.70 -13.90
CA GLU A 140 -19.72 27.70 -12.91
C GLU A 140 -19.47 26.90 -11.61
N PRO A 141 -18.50 27.32 -10.82
CA PRO A 141 -18.16 26.67 -9.57
C PRO A 141 -19.26 26.83 -8.52
N ASP A 142 -19.53 25.81 -7.72
CA ASP A 142 -20.54 25.90 -6.66
C ASP A 142 -19.97 26.74 -5.52
N GLN A 143 -20.64 26.75 -4.37
CA GLN A 143 -20.13 27.57 -3.25
C GLN A 143 -18.78 27.13 -2.72
N GLY A 144 -18.41 25.84 -2.84
CA GLY A 144 -17.10 25.40 -2.38
C GLY A 144 -16.05 25.31 -3.48
N GLY A 145 -16.30 25.85 -4.68
CA GLY A 145 -15.32 25.87 -5.75
C GLY A 145 -15.36 24.64 -6.66
N GLN A 146 -16.28 23.71 -6.42
CA GLN A 146 -16.37 22.47 -7.20
C GLN A 146 -17.17 22.59 -8.50
N ARG A 147 -16.61 21.99 -9.58
CA ARG A 147 -17.24 21.92 -10.88
C ARG A 147 -17.63 20.51 -11.34
N GLY A 148 -17.14 19.45 -10.68
CA GLY A 148 -17.54 18.10 -11.08
C GLY A 148 -16.86 16.99 -10.27
N VAL A 149 -17.27 15.74 -10.48
CA VAL A 149 -16.71 14.58 -9.79
C VAL A 149 -16.62 13.40 -10.76
N ILE A 150 -15.43 12.79 -10.82
CA ILE A 150 -15.19 11.63 -11.70
C ILE A 150 -14.87 10.39 -10.84
N ILE A 151 -15.58 9.28 -11.01
CA ILE A 151 -15.43 8.05 -10.26
C ILE A 151 -15.04 6.89 -11.18
N ASN A 152 -13.92 6.20 -10.90
CA ASN A 152 -13.48 5.10 -11.76
C ASN A 152 -13.68 3.74 -11.12
N THR A 153 -13.74 2.63 -11.87
CA THR A 153 -13.88 1.30 -11.29
C THR A 153 -12.63 0.46 -11.56
N ALA A 154 -11.84 0.21 -10.49
CA ALA A 154 -10.68 -0.67 -10.61
C ALA A 154 -11.07 -2.10 -10.22
N SER A 155 -10.34 -2.73 -9.32
CA SER A 155 -10.63 -4.08 -8.82
C SER A 155 -9.67 -4.45 -7.68
N VAL A 156 -9.99 -5.44 -6.82
CA VAL A 156 -9.00 -5.94 -5.86
C VAL A 156 -7.89 -6.71 -6.59
N ALA A 157 -8.06 -7.07 -7.85
CA ALA A 157 -7.04 -7.69 -8.70
C ALA A 157 -5.85 -6.75 -8.98
N ALA A 158 -5.97 -5.45 -8.68
CA ALA A 158 -4.87 -4.53 -8.80
C ALA A 158 -3.87 -4.74 -7.65
N PHE A 159 -4.30 -5.42 -6.58
CA PHE A 159 -3.45 -5.70 -5.43
C PHE A 159 -3.17 -7.19 -5.20
N GLU A 160 -4.12 -8.09 -5.45
CA GLU A 160 -3.92 -9.54 -5.29
C GLU A 160 -4.32 -10.28 -6.58
N GLY A 161 -3.78 -9.94 -7.75
CA GLY A 161 -4.11 -10.63 -8.99
C GLY A 161 -3.91 -12.15 -8.85
N GLN A 162 -4.86 -12.94 -9.32
CA GLN A 162 -4.78 -14.40 -9.27
C GLN A 162 -4.10 -15.04 -10.48
N VAL A 163 -3.89 -16.36 -10.46
CA VAL A 163 -3.43 -17.10 -11.65
C VAL A 163 -4.35 -16.85 -12.83
N GLY A 164 -3.84 -16.48 -14.00
CA GLY A 164 -4.70 -16.19 -15.14
C GLY A 164 -5.21 -14.74 -15.29
N GLN A 165 -4.89 -13.87 -14.33
CA GLN A 165 -5.31 -12.48 -14.36
C GLN A 165 -4.30 -11.44 -14.76
N ALA A 166 -3.16 -11.77 -15.35
CA ALA A 166 -2.16 -10.78 -15.72
C ALA A 166 -2.68 -9.61 -16.57
N ALA A 167 -3.42 -9.83 -17.65
CA ALA A 167 -3.94 -8.71 -18.42
C ALA A 167 -4.90 -7.81 -17.64
N TYR A 168 -5.88 -8.41 -16.99
CA TYR A 168 -6.87 -7.69 -16.17
C TYR A 168 -6.23 -6.90 -15.05
N SER A 169 -5.33 -7.50 -14.28
CA SER A 169 -4.60 -6.87 -13.19
C SER A 169 -3.78 -5.69 -13.70
N ALA A 170 -3.10 -5.85 -14.85
CA ALA A 170 -2.34 -4.75 -15.44
C ALA A 170 -3.28 -3.57 -15.75
N SER A 171 -4.42 -3.85 -16.38
CA SER A 171 -5.35 -2.76 -16.72
C SER A 171 -5.89 -2.08 -15.47
N LYS A 172 -6.20 -2.78 -14.40
CA LYS A 172 -6.77 -2.21 -13.19
C LYS A 172 -5.70 -1.52 -12.31
N GLY A 173 -4.47 -2.01 -12.38
CA GLY A 173 -3.36 -1.38 -11.65
C GLY A 173 -3.04 -0.06 -12.33
N GLY A 174 -3.20 0.07 -13.64
CA GLY A 174 -2.99 1.34 -14.34
C GLY A 174 -4.06 2.37 -13.93
N ILE A 175 -5.32 1.94 -13.72
CA ILE A 175 -6.33 2.88 -13.20
C ILE A 175 -5.95 3.40 -11.80
N VAL A 176 -5.56 2.50 -10.90
CA VAL A 176 -5.07 2.92 -9.56
C VAL A 176 -3.91 3.90 -9.71
N GLY A 177 -2.86 3.56 -10.47
CA GLY A 177 -1.67 4.40 -10.64
C GLY A 177 -1.95 5.83 -11.16
N MET A 178 -2.94 5.98 -12.04
CA MET A 178 -3.22 7.35 -12.53
C MET A 178 -4.25 8.12 -11.71
N THR A 179 -4.80 7.56 -10.63
CA THR A 179 -5.82 8.27 -9.84
C THR A 179 -5.31 9.55 -9.22
N LEU A 180 -4.15 9.54 -8.53
CA LEU A 180 -3.56 10.73 -7.94
C LEU A 180 -3.04 11.80 -8.90
N PRO A 181 -2.31 11.52 -9.97
CA PRO A 181 -1.83 12.55 -10.88
C PRO A 181 -3.00 13.23 -11.59
N ILE A 182 -4.07 12.51 -11.90
CA ILE A 182 -5.26 13.11 -12.53
C ILE A 182 -6.02 13.99 -11.53
N ALA A 183 -6.18 13.62 -10.26
CA ALA A 183 -6.73 14.52 -9.26
C ALA A 183 -5.85 15.77 -9.09
N ARG A 184 -4.52 15.61 -9.10
CA ARG A 184 -3.62 16.74 -9.00
C ARG A 184 -3.72 17.64 -10.25
N ASP A 185 -3.89 17.10 -11.45
CA ASP A 185 -4.03 17.87 -12.68
C ASP A 185 -5.31 18.71 -12.67
N LEU A 186 -6.41 18.12 -12.18
CA LEU A 186 -7.71 18.79 -12.20
C LEU A 186 -8.06 19.58 -10.96
N ALA A 187 -7.15 19.71 -9.98
CA ALA A 187 -7.40 20.50 -8.79
C ALA A 187 -7.69 21.99 -9.04
N PRO A 188 -6.90 22.65 -9.88
CA PRO A 188 -7.13 24.04 -10.25
C PRO A 188 -8.50 24.32 -10.80
N ILE A 189 -9.25 23.43 -11.43
CA ILE A 189 -10.59 23.73 -11.85
C ILE A 189 -11.67 23.05 -10.99
N GLY A 190 -11.38 22.48 -9.84
CA GLY A 190 -12.41 21.91 -8.98
C GLY A 190 -13.10 20.63 -9.38
N ILE A 191 -12.36 19.66 -9.94
CA ILE A 191 -12.91 18.35 -10.29
C ILE A 191 -12.23 17.28 -9.42
N ARG A 192 -12.99 16.57 -8.61
CA ARG A 192 -12.49 15.51 -7.75
C ARG A 192 -12.42 14.22 -8.55
N VAL A 193 -11.43 13.36 -8.26
CA VAL A 193 -11.26 12.07 -8.96
C VAL A 193 -11.06 10.98 -7.91
N VAL A 194 -11.95 9.99 -7.83
CA VAL A 194 -11.88 8.88 -6.85
C VAL A 194 -12.04 7.54 -7.53
N THR A 195 -11.41 6.47 -7.05
CA THR A 195 -11.52 5.14 -7.64
C THR A 195 -12.05 4.09 -6.65
N ILE A 196 -12.99 3.24 -7.09
CA ILE A 196 -13.55 2.18 -6.28
C ILE A 196 -12.94 0.84 -6.73
N ALA A 197 -12.63 -0.05 -5.77
CA ALA A 197 -12.07 -1.36 -6.10
C ALA A 197 -12.91 -2.50 -5.50
N PRO A 198 -13.85 -3.02 -6.29
CA PRO A 198 -14.72 -4.10 -5.90
C PRO A 198 -14.03 -5.46 -5.77
N GLY A 199 -14.48 -6.25 -4.81
CA GLY A 199 -14.06 -7.64 -4.63
C GLY A 199 -15.02 -8.50 -5.48
N LEU A 200 -15.68 -9.55 -5.06
CA LEU A 200 -16.57 -10.32 -5.96
C LEU A 200 -18.05 -9.99 -5.90
N PHE A 201 -18.68 -9.53 -7.00
CA PHE A 201 -20.06 -9.13 -7.05
C PHE A 201 -20.95 -9.99 -7.98
N ALA A 202 -22.22 -10.11 -7.60
CA ALA A 202 -23.19 -10.88 -8.38
C ALA A 202 -23.67 -10.14 -9.62
N THR A 203 -22.93 -10.16 -10.71
CA THR A 203 -23.31 -9.54 -11.98
C THR A 203 -23.05 -10.56 -13.12
N PRO A 204 -23.49 -10.21 -14.32
CA PRO A 204 -23.29 -11.03 -15.50
C PRO A 204 -21.81 -11.19 -15.86
N SER A 219 -18.12 -18.43 -0.55
CA SER A 219 -17.68 -18.93 0.75
C SER A 219 -16.33 -18.37 1.20
N GLN A 220 -15.59 -17.71 0.34
CA GLN A 220 -14.30 -17.13 0.69
C GLN A 220 -14.37 -15.75 1.31
N VAL A 221 -15.50 -15.07 1.27
CA VAL A 221 -15.60 -13.73 1.86
C VAL A 221 -15.87 -13.79 3.35
N PRO A 222 -15.02 -13.19 4.20
CA PRO A 222 -15.20 -13.22 5.65
C PRO A 222 -16.58 -12.82 6.11
N PHE A 223 -17.06 -11.61 5.84
CA PHE A 223 -18.40 -11.19 6.21
C PHE A 223 -18.81 -9.88 5.54
N PRO A 224 -20.03 -9.79 5.03
CA PRO A 224 -20.94 -10.93 4.94
C PRO A 224 -20.43 -12.00 3.98
N SER A 225 -20.74 -13.27 4.22
CA SER A 225 -20.16 -14.36 3.45
C SER A 225 -21.00 -14.68 2.20
N ARG A 226 -20.86 -13.83 1.19
CA ARG A 226 -21.62 -13.91 -0.04
C ARG A 226 -21.04 -12.94 -1.08
N LEU A 227 -21.51 -13.07 -2.32
CA LEU A 227 -21.09 -12.11 -3.36
C LEU A 227 -21.67 -10.76 -2.98
N GLY A 228 -21.05 -9.68 -3.43
CA GLY A 228 -21.61 -8.35 -3.24
C GLY A 228 -22.90 -8.16 -4.02
N ASP A 229 -23.78 -7.28 -3.52
CA ASP A 229 -24.98 -6.91 -4.28
C ASP A 229 -24.69 -5.62 -5.01
N PRO A 230 -24.95 -5.53 -6.32
CA PRO A 230 -24.70 -4.30 -7.08
C PRO A 230 -25.25 -3.06 -6.43
N ALA A 231 -26.37 -3.13 -5.69
CA ALA A 231 -26.92 -1.97 -4.99
C ALA A 231 -25.97 -1.44 -3.93
N GLU A 232 -25.07 -2.25 -3.39
CA GLU A 232 -24.07 -1.77 -2.41
C GLU A 232 -23.00 -0.92 -3.12
N TYR A 233 -22.61 -1.27 -4.37
CA TYR A 233 -21.66 -0.43 -5.13
C TYR A 233 -22.31 0.92 -5.41
N ALA A 234 -23.59 0.92 -5.82
CA ALA A 234 -24.33 2.16 -6.09
C ALA A 234 -24.42 3.07 -4.86
N HIS A 235 -24.66 2.53 -3.67
CA HIS A 235 -24.67 3.37 -2.44
C HIS A 235 -23.30 4.00 -2.23
N LEU A 236 -22.19 3.29 -2.42
CA LEU A 236 -20.86 3.89 -2.24
C LEU A 236 -20.62 4.98 -3.29
N VAL A 237 -21.09 4.85 -4.53
CA VAL A 237 -20.94 5.92 -5.54
C VAL A 237 -21.66 7.19 -5.07
N GLN A 238 -22.88 7.08 -4.54
CA GLN A 238 -23.59 8.25 -4.02
C GLN A 238 -22.85 8.91 -2.87
N MET A 239 -22.24 8.17 -1.96
CA MET A 239 -21.46 8.70 -0.83
C MET A 239 -20.28 9.53 -1.33
N VAL A 240 -19.62 9.05 -2.38
CA VAL A 240 -18.48 9.73 -2.99
C VAL A 240 -18.89 11.06 -3.64
N ILE A 241 -20.03 11.06 -4.31
CA ILE A 241 -20.56 12.27 -4.94
C ILE A 241 -20.88 13.28 -3.85
N GLU A 242 -21.52 12.89 -2.74
CA GLU A 242 -21.87 13.81 -1.66
C GLU A 242 -20.73 14.30 -0.79
N ASN A 243 -19.64 13.56 -0.55
CA ASN A 243 -18.61 14.08 0.38
C ASN A 243 -17.57 14.92 -0.32
N PRO A 244 -17.48 16.22 0.00
CA PRO A 244 -16.57 17.15 -0.64
C PRO A 244 -15.09 17.01 -0.36
N PHE A 245 -14.67 16.22 0.64
CA PHE A 245 -13.24 16.18 0.97
C PHE A 245 -12.60 14.89 0.51
N LEU A 246 -13.36 14.00 -0.13
CA LEU A 246 -12.78 12.72 -0.61
C LEU A 246 -12.14 12.90 -1.99
N ASN A 247 -10.84 12.69 -2.14
CA ASN A 247 -10.20 12.98 -3.44
C ASN A 247 -8.87 12.27 -3.57
N GLY A 248 -8.55 11.79 -4.78
CA GLY A 248 -7.30 11.10 -5.09
C GLY A 248 -7.06 9.81 -4.33
N GLU A 249 -8.11 9.10 -3.95
CA GLU A 249 -8.03 7.89 -3.12
C GLU A 249 -8.70 6.70 -3.80
N VAL A 250 -8.36 5.46 -3.42
CA VAL A 250 -8.90 4.21 -3.91
C VAL A 250 -9.56 3.49 -2.69
N ILE A 251 -10.80 3.01 -2.79
CA ILE A 251 -11.53 2.38 -1.70
C ILE A 251 -11.92 0.96 -2.07
N ARG A 252 -11.54 -0.02 -1.24
CA ARG A 252 -11.88 -1.41 -1.44
C ARG A 252 -13.32 -1.68 -0.98
N LEU A 253 -14.16 -2.36 -1.75
CA LEU A 253 -15.54 -2.70 -1.36
C LEU A 253 -15.66 -4.21 -1.57
N ASP A 254 -15.33 -4.99 -0.52
CA ASP A 254 -15.13 -6.41 -0.70
C ASP A 254 -15.41 -7.35 0.45
N GLY A 255 -16.10 -6.97 1.52
CA GLY A 255 -16.36 -7.98 2.59
C GLY A 255 -15.15 -8.49 3.34
N ALA A 256 -14.00 -7.80 3.26
CA ALA A 256 -12.72 -8.13 3.85
C ALA A 256 -12.01 -9.30 3.21
N ILE A 257 -12.37 -9.69 1.96
CA ILE A 257 -11.66 -10.76 1.28
C ILE A 257 -10.26 -10.35 0.89
N ARG A 258 -9.33 -11.32 0.83
CA ARG A 258 -7.98 -11.16 0.27
C ARG A 258 -7.76 -12.36 -0.67
N MET A 259 -7.54 -12.12 -1.97
CA MET A 259 -7.55 -13.16 -2.97
C MET A 259 -6.35 -14.08 -3.00
N GLN A 260 -6.60 -15.39 -3.01
CA GLN A 260 -5.58 -16.43 -3.15
C GLN A 260 -5.35 -16.68 -4.66
N PRO A 261 -4.17 -17.39 -4.87
CA PRO A 261 -3.82 -17.68 -6.27
C PRO A 261 -4.93 -18.41 -7.02
N SER B 7 26.73 -15.09 -6.08
CA SER B 7 27.41 -15.13 -7.40
C SER B 7 26.48 -15.20 -8.60
N VAL B 8 26.82 -14.42 -9.63
CA VAL B 8 26.07 -14.42 -10.88
C VAL B 8 26.96 -15.03 -11.97
N LYS B 9 28.11 -15.58 -11.52
CA LYS B 9 29.12 -16.06 -12.45
C LYS B 9 28.58 -17.09 -13.43
N GLY B 10 28.74 -16.90 -14.72
CA GLY B 10 28.22 -17.83 -15.71
C GLY B 10 26.74 -17.72 -16.05
N LEU B 11 25.95 -16.87 -15.38
CA LEU B 11 24.53 -16.75 -15.75
C LEU B 11 24.37 -15.95 -17.04
N VAL B 12 23.32 -16.19 -17.83
CA VAL B 12 23.10 -15.44 -19.06
C VAL B 12 21.91 -14.46 -18.91
N ALA B 13 22.12 -13.18 -19.14
CA ALA B 13 21.05 -12.19 -18.93
C ALA B 13 20.71 -11.35 -20.17
N VAL B 14 19.42 -11.15 -20.43
CA VAL B 14 18.98 -10.24 -21.53
C VAL B 14 18.47 -8.96 -20.87
N ILE B 15 19.00 -7.80 -21.22
CA ILE B 15 18.70 -6.51 -20.61
C ILE B 15 18.08 -5.52 -21.62
N THR B 16 16.75 -5.31 -21.55
CA THR B 16 16.13 -4.36 -22.47
C THR B 16 16.51 -2.93 -22.04
N GLY B 17 16.61 -2.03 -23.03
CA GLY B 17 17.08 -0.68 -22.81
C GLY B 17 18.57 -0.72 -22.38
N GLY B 18 19.31 -1.78 -22.69
CA GLY B 18 20.71 -1.91 -22.32
C GLY B 18 21.72 -1.00 -23.01
N ALA B 19 21.37 -0.13 -23.98
CA ALA B 19 22.34 0.76 -24.57
C ALA B 19 22.63 2.01 -23.74
N SER B 20 21.84 2.31 -22.73
CA SER B 20 21.95 3.53 -21.95
C SER B 20 21.49 3.42 -20.51
N GLY B 21 21.77 4.43 -19.67
CA GLY B 21 21.34 4.57 -18.31
C GLY B 21 21.29 3.32 -17.45
N LEU B 22 20.13 3.03 -16.83
CA LEU B 22 20.03 1.92 -15.88
C LEU B 22 20.36 0.56 -16.46
N GLY B 23 19.88 0.29 -17.67
CA GLY B 23 20.17 -1.03 -18.26
C GLY B 23 21.69 -1.12 -18.56
N LEU B 24 22.30 -0.05 -19.06
CA LEU B 24 23.75 -0.14 -19.40
C LEU B 24 24.59 -0.38 -18.15
N SER B 25 24.28 0.35 -17.08
CA SER B 25 25.01 0.23 -15.83
C SER B 25 24.84 -1.17 -15.23
N THR B 26 23.68 -1.79 -15.39
CA THR B 26 23.40 -3.15 -14.97
C THR B 26 24.25 -4.15 -15.77
N ALA B 27 24.36 -3.95 -17.08
CA ALA B 27 25.23 -4.80 -17.90
C ALA B 27 26.69 -4.68 -17.46
N LYS B 28 27.22 -3.48 -17.27
CA LYS B 28 28.60 -3.31 -16.81
C LYS B 28 28.86 -4.11 -15.52
N ARG B 29 28.02 -3.94 -14.48
CA ARG B 29 28.19 -4.70 -13.25
C ARG B 29 28.14 -6.20 -13.40
N LEU B 30 27.14 -6.79 -14.03
CA LEU B 30 27.01 -8.23 -14.24
C LEU B 30 28.13 -8.81 -15.10
N VAL B 31 28.55 -8.15 -16.19
CA VAL B 31 29.70 -8.65 -16.97
C VAL B 31 30.97 -8.62 -16.13
N GLY B 32 31.16 -7.59 -15.30
CA GLY B 32 32.31 -7.47 -14.43
C GLY B 32 32.33 -8.52 -13.32
N GLN B 33 31.20 -9.14 -12.98
CA GLN B 33 31.14 -10.23 -12.04
C GLN B 33 31.17 -11.61 -12.71
N GLY B 34 31.43 -11.69 -14.02
CA GLY B 34 31.50 -12.97 -14.70
C GLY B 34 30.27 -13.45 -15.40
N ALA B 35 29.22 -12.62 -15.58
CA ALA B 35 28.02 -13.10 -16.29
C ALA B 35 28.12 -12.75 -17.77
N THR B 36 27.21 -13.23 -18.62
CA THR B 36 27.16 -12.86 -20.02
C THR B 36 25.89 -11.99 -20.22
N ALA B 37 25.99 -10.97 -21.06
CA ALA B 37 24.86 -10.04 -21.25
C ALA B 37 24.53 -9.78 -22.71
N VAL B 38 23.24 -9.74 -23.04
CA VAL B 38 22.74 -9.37 -24.35
C VAL B 38 22.01 -8.01 -24.21
N LEU B 39 22.44 -6.97 -24.88
CA LEU B 39 21.80 -5.66 -24.85
C LEU B 39 20.69 -5.57 -25.89
N LEU B 40 19.44 -5.54 -25.45
CA LEU B 40 18.30 -5.42 -26.38
C LEU B 40 17.83 -3.96 -26.41
N ASP B 41 18.06 -3.27 -27.54
CA ASP B 41 17.71 -1.87 -27.68
C ASP B 41 17.47 -1.55 -29.17
N VAL B 42 17.00 -0.33 -29.47
CA VAL B 42 16.66 -0.01 -30.86
C VAL B 42 17.91 0.17 -31.72
N PRO B 43 17.75 -0.04 -33.04
CA PRO B 43 18.85 0.00 -33.99
C PRO B 43 19.63 1.29 -34.06
N ASN B 44 18.90 2.39 -33.91
CA ASN B 44 19.56 3.68 -33.91
C ASN B 44 20.24 3.99 -32.61
N SER B 45 20.26 3.20 -31.55
CA SER B 45 20.92 3.49 -30.28
C SER B 45 22.43 3.20 -30.42
N GLU B 46 23.20 3.32 -29.34
CA GLU B 46 24.64 3.04 -29.40
C GLU B 46 24.97 1.65 -28.86
N GLY B 47 23.97 0.77 -28.89
CA GLY B 47 24.12 -0.58 -28.37
C GLY B 47 25.39 -1.26 -28.86
N GLU B 48 25.60 -1.23 -30.18
CA GLU B 48 26.73 -1.91 -30.78
C GLU B 48 28.07 -1.46 -30.21
N THR B 49 28.33 -0.17 -30.07
CA THR B 49 29.65 0.21 -29.53
C THR B 49 29.73 0.00 -28.02
N GLU B 50 28.64 0.07 -27.26
CA GLU B 50 28.73 -0.28 -25.84
C GLU B 50 29.05 -1.76 -25.67
N ALA B 51 28.45 -2.65 -26.47
CA ALA B 51 28.70 -4.09 -26.38
C ALA B 51 30.15 -4.44 -26.76
N LYS B 52 30.71 -3.70 -27.72
CA LYS B 52 32.12 -3.85 -28.10
C LYS B 52 33.05 -3.42 -26.98
N LYS B 53 32.81 -2.28 -26.34
CA LYS B 53 33.59 -1.84 -25.21
C LYS B 53 33.60 -2.86 -24.07
N LEU B 54 32.56 -3.65 -23.83
CA LEU B 54 32.53 -4.62 -22.75
C LEU B 54 33.17 -5.97 -23.06
N GLY B 55 33.49 -6.20 -24.32
CA GLY B 55 34.22 -7.41 -24.67
C GLY B 55 33.35 -8.50 -25.25
N GLY B 56 33.93 -9.70 -25.37
CA GLY B 56 33.33 -10.88 -25.90
C GLY B 56 32.18 -11.51 -25.13
N ASN B 57 32.01 -11.19 -23.84
CA ASN B 57 30.84 -11.71 -23.13
C ASN B 57 29.66 -10.73 -23.12
N CYS B 58 29.58 -9.77 -24.03
CA CYS B 58 28.45 -8.85 -24.18
C CYS B 58 28.22 -8.57 -25.68
N ILE B 59 27.05 -8.93 -26.20
CA ILE B 59 26.64 -8.66 -27.56
C ILE B 59 25.38 -7.77 -27.61
N PHE B 60 25.14 -7.18 -28.77
CA PHE B 60 24.00 -6.33 -29.05
C PHE B 60 22.99 -7.03 -29.97
N ALA B 61 21.70 -6.92 -29.62
CA ALA B 61 20.61 -7.45 -30.42
C ALA B 61 19.56 -6.36 -30.68
N PRO B 62 19.56 -5.76 -31.87
CA PRO B 62 18.61 -4.72 -32.20
C PRO B 62 17.18 -5.22 -32.28
N ALA B 63 16.29 -4.58 -31.50
CA ALA B 63 14.87 -4.92 -31.45
C ALA B 63 14.03 -3.87 -30.73
N ASN B 64 12.80 -3.65 -31.18
CA ASN B 64 11.84 -2.77 -30.55
C ASN B 64 10.99 -3.65 -29.64
N VAL B 65 10.84 -3.35 -28.35
CA VAL B 65 10.07 -4.20 -27.45
C VAL B 65 8.59 -4.31 -27.80
N THR B 66 8.01 -3.41 -28.60
CA THR B 66 6.59 -3.57 -28.96
C THR B 66 6.36 -4.60 -30.06
N SER B 67 7.41 -5.02 -30.78
CA SER B 67 7.29 -5.98 -31.87
C SER B 67 7.49 -7.43 -31.46
N GLU B 68 6.51 -8.31 -31.74
CA GLU B 68 6.65 -9.73 -31.45
C GLU B 68 7.81 -10.36 -32.23
N LYS B 69 7.91 -10.07 -33.53
CA LYS B 69 8.95 -10.66 -34.38
C LYS B 69 10.37 -10.28 -34.01
N GLU B 70 10.59 -8.98 -33.73
CA GLU B 70 11.93 -8.56 -33.36
C GLU B 70 12.36 -9.11 -32.01
N VAL B 71 11.44 -9.15 -31.03
CA VAL B 71 11.81 -9.68 -29.71
C VAL B 71 12.14 -11.17 -29.85
N GLN B 72 11.31 -11.93 -30.55
CA GLN B 72 11.60 -13.34 -30.75
C GLN B 72 12.97 -13.57 -31.40
N ALA B 73 13.30 -12.80 -32.43
CA ALA B 73 14.62 -12.96 -33.06
C ALA B 73 15.77 -12.61 -32.12
N ALA B 74 15.60 -11.65 -31.20
CA ALA B 74 16.67 -11.31 -30.26
C ALA B 74 16.90 -12.42 -29.25
N LEU B 75 15.85 -13.05 -28.77
CA LEU B 75 15.94 -14.18 -27.84
C LEU B 75 16.53 -15.42 -28.52
N THR B 76 16.19 -15.67 -29.79
CA THR B 76 16.81 -16.79 -30.53
C THR B 76 18.31 -16.56 -30.69
N LEU B 77 18.72 -15.31 -30.96
CA LEU B 77 20.14 -15.01 -31.02
C LEU B 77 20.89 -15.24 -29.71
N ALA B 78 20.31 -14.82 -28.58
CA ALA B 78 20.94 -15.00 -27.27
C ALA B 78 21.17 -16.47 -26.97
N LYS B 79 20.19 -17.31 -27.25
CA LYS B 79 20.25 -18.73 -27.01
C LYS B 79 21.30 -19.41 -27.91
N GLU B 80 21.37 -18.96 -29.15
CA GLU B 80 22.27 -19.54 -30.14
C GLU B 80 23.73 -19.27 -29.78
N LYS B 81 23.97 -18.05 -29.35
CA LYS B 81 25.27 -17.60 -28.92
C LYS B 81 25.69 -18.17 -27.58
N PHE B 82 24.81 -18.09 -26.56
CA PHE B 82 25.21 -18.48 -25.21
C PHE B 82 24.60 -19.76 -24.67
N GLY B 83 23.75 -20.46 -25.40
CA GLY B 83 23.15 -21.70 -24.96
C GLY B 83 21.84 -21.71 -24.19
N ARG B 84 21.52 -20.62 -23.49
CA ARG B 84 20.32 -20.56 -22.66
C ARG B 84 20.09 -19.12 -22.17
N ILE B 85 18.98 -18.90 -21.50
CA ILE B 85 18.70 -17.60 -20.87
C ILE B 85 18.39 -17.86 -19.40
N ASP B 86 19.09 -17.19 -18.47
CA ASP B 86 18.84 -17.34 -17.06
C ASP B 86 18.08 -16.18 -16.43
N VAL B 87 18.35 -14.96 -16.89
CA VAL B 87 17.85 -13.73 -16.27
C VAL B 87 17.31 -12.77 -17.34
N ALA B 88 16.20 -12.08 -17.08
CA ALA B 88 15.74 -10.97 -17.95
C ALA B 88 15.51 -9.69 -17.15
N VAL B 89 15.95 -8.53 -17.57
CA VAL B 89 15.76 -7.26 -16.87
C VAL B 89 15.06 -6.27 -17.82
N ASN B 90 13.86 -5.79 -17.47
CA ASN B 90 13.17 -4.82 -18.32
C ASN B 90 13.47 -3.37 -17.95
N CYS B 91 14.30 -2.67 -18.71
CA CYS B 91 14.59 -1.25 -18.46
C CYS B 91 14.16 -0.38 -19.67
N ALA B 92 13.75 -0.95 -20.79
CA ALA B 92 13.28 -0.11 -21.92
C ALA B 92 12.07 0.75 -21.54
N GLY B 93 12.10 2.05 -21.81
CA GLY B 93 11.00 2.95 -21.38
C GLY B 93 11.13 4.37 -21.90
N ILE B 94 10.02 5.09 -22.06
CA ILE B 94 9.96 6.48 -22.45
C ILE B 94 9.09 7.30 -21.49
N ALA B 95 9.07 8.62 -21.59
CA ALA B 95 8.23 9.47 -20.74
C ALA B 95 7.70 10.72 -21.45
N VAL B 96 6.58 11.27 -20.99
CA VAL B 96 6.06 12.55 -21.45
C VAL B 96 5.63 13.39 -20.24
N ALA B 97 5.46 14.72 -20.44
CA ALA B 97 4.97 15.60 -19.37
C ALA B 97 3.84 16.46 -19.94
N ILE B 98 2.60 15.97 -19.86
CA ILE B 98 1.42 16.54 -20.46
C ILE B 98 0.22 16.42 -19.50
N LYS B 99 -0.42 17.52 -19.11
CA LYS B 99 -1.61 17.47 -18.24
C LYS B 99 -2.81 16.84 -18.94
N THR B 100 -3.75 16.29 -18.14
CA THR B 100 -4.97 15.68 -18.63
C THR B 100 -5.80 16.76 -19.34
N TYR B 101 -5.84 17.93 -18.76
CA TYR B 101 -6.51 19.10 -19.35
C TYR B 101 -5.77 20.33 -18.83
N HIS B 102 -5.37 21.18 -19.76
CA HIS B 102 -4.63 22.40 -19.44
C HIS B 102 -5.52 23.63 -19.60
N GLU B 103 -6.03 24.23 -18.53
CA GLU B 103 -6.93 25.37 -18.66
C GLU B 103 -6.34 26.44 -19.59
N LYS B 104 -5.23 27.03 -19.15
CA LYS B 104 -4.51 28.06 -19.86
C LYS B 104 -4.55 28.08 -21.38
N LYS B 105 -4.42 26.93 -22.04
CA LYS B 105 -4.48 26.86 -23.50
C LYS B 105 -5.69 26.08 -23.96
N ASN B 106 -6.61 25.74 -23.05
CA ASN B 106 -7.79 24.95 -23.41
C ASN B 106 -7.41 23.70 -24.21
N GLN B 107 -6.46 22.92 -23.67
CA GLN B 107 -5.96 21.76 -24.39
C GLN B 107 -6.18 20.43 -23.68
N VAL B 108 -6.82 19.48 -24.34
CA VAL B 108 -7.00 18.16 -23.72
C VAL B 108 -5.79 17.30 -24.13
N HIS B 109 -5.21 16.48 -23.27
CA HIS B 109 -4.18 15.49 -23.61
C HIS B 109 -4.58 14.66 -24.82
N THR B 110 -3.77 14.42 -25.84
CA THR B 110 -4.27 13.61 -26.96
C THR B 110 -4.35 12.14 -26.60
N LEU B 111 -5.21 11.36 -27.24
CA LEU B 111 -5.32 9.93 -26.99
C LEU B 111 -4.07 9.20 -27.49
N GLU B 112 -3.51 9.68 -28.62
CA GLU B 112 -2.33 9.14 -29.23
C GLU B 112 -1.09 9.26 -28.37
N ASP B 113 -0.91 10.34 -27.61
CA ASP B 113 0.26 10.42 -26.72
C ASP B 113 0.12 9.49 -25.51
N PHE B 114 -1.09 9.30 -24.99
CA PHE B 114 -1.30 8.29 -23.91
C PHE B 114 -1.04 6.89 -24.43
N GLN B 115 -1.58 6.49 -25.58
CA GLN B 115 -1.39 5.20 -26.19
C GLN B 115 0.08 4.83 -26.34
N ARG B 116 0.85 5.76 -26.91
CA ARG B 116 2.27 5.51 -27.15
C ARG B 116 3.08 5.16 -25.90
N VAL B 117 2.90 5.89 -24.80
CA VAL B 117 3.53 5.61 -23.52
C VAL B 117 3.10 4.25 -22.94
N ILE B 118 1.83 3.89 -22.97
CA ILE B 118 1.34 2.58 -22.54
C ILE B 118 1.96 1.46 -23.39
N ASN B 119 2.01 1.65 -24.70
CA ASN B 119 2.50 0.67 -25.66
C ASN B 119 3.98 0.30 -25.39
N VAL B 120 4.86 1.29 -25.28
CA VAL B 120 6.28 0.98 -25.02
C VAL B 120 6.51 0.46 -23.61
N ASN B 121 5.99 1.18 -22.61
CA ASN B 121 6.30 0.87 -21.21
C ASN B 121 5.64 -0.37 -20.61
N LEU B 122 4.34 -0.52 -20.80
CA LEU B 122 3.54 -1.63 -20.27
C LEU B 122 3.38 -2.80 -21.26
N ILE B 123 2.83 -2.60 -22.44
CA ILE B 123 2.72 -3.72 -23.43
C ILE B 123 4.07 -4.27 -23.84
N GLY B 124 5.11 -3.44 -24.05
CA GLY B 124 6.45 -3.92 -24.39
C GLY B 124 7.07 -4.76 -23.23
N THR B 125 6.88 -4.35 -21.98
CA THR B 125 7.35 -5.18 -20.85
C THR B 125 6.62 -6.52 -20.79
N PHE B 126 5.32 -6.63 -21.04
CA PHE B 126 4.64 -7.94 -21.04
C PHE B 126 5.05 -8.83 -22.23
N ASN B 127 5.30 -8.22 -23.37
CA ASN B 127 5.78 -8.91 -24.57
C ASN B 127 7.12 -9.61 -24.28
N VAL B 128 8.06 -8.91 -23.66
CA VAL B 128 9.34 -9.54 -23.29
C VAL B 128 9.12 -10.63 -22.26
N ILE B 129 8.31 -10.43 -21.21
CA ILE B 129 8.01 -11.43 -20.21
C ILE B 129 7.40 -12.72 -20.78
N ARG B 130 6.36 -12.63 -21.61
CA ARG B 130 5.69 -13.80 -22.15
C ARG B 130 6.59 -14.67 -23.02
N LEU B 131 7.41 -14.03 -23.86
CA LEU B 131 8.32 -14.79 -24.73
C LEU B 131 9.55 -15.33 -24.01
N VAL B 132 10.09 -14.59 -23.02
CA VAL B 132 11.28 -15.09 -22.33
C VAL B 132 10.91 -16.22 -21.38
N ALA B 133 9.66 -16.30 -20.90
CA ALA B 133 9.29 -17.36 -19.98
C ALA B 133 9.37 -18.75 -20.61
N GLY B 134 8.95 -18.83 -21.88
CA GLY B 134 9.00 -20.14 -22.59
C GLY B 134 10.47 -20.56 -22.75
N VAL B 135 11.37 -19.63 -23.02
CA VAL B 135 12.80 -19.98 -23.15
C VAL B 135 13.40 -20.44 -21.83
N MET B 136 13.16 -19.71 -20.74
CA MET B 136 13.63 -20.13 -19.41
C MET B 136 13.04 -21.48 -19.01
N GLY B 137 11.81 -21.77 -19.41
CA GLY B 137 11.17 -23.04 -19.10
C GLY B 137 11.89 -24.27 -19.67
N GLN B 138 12.72 -24.10 -20.69
CA GLN B 138 13.58 -25.13 -21.23
C GLN B 138 14.76 -25.50 -20.33
N ASN B 139 15.16 -24.70 -19.36
CA ASN B 139 16.30 -25.02 -18.50
C ASN B 139 15.98 -26.14 -17.51
N GLU B 140 17.00 -26.92 -17.15
CA GLU B 140 16.80 -27.93 -16.08
C GLU B 140 16.78 -27.14 -14.78
N PRO B 141 15.93 -27.51 -13.85
CA PRO B 141 15.83 -26.85 -12.56
C PRO B 141 17.12 -26.96 -11.76
N ASP B 142 17.52 -25.92 -11.01
CA ASP B 142 18.72 -26.03 -10.20
C ASP B 142 18.40 -26.90 -8.98
N GLN B 143 19.25 -26.88 -7.96
CA GLN B 143 19.00 -27.67 -6.76
C GLN B 143 17.80 -27.21 -5.95
N GLY B 144 17.38 -25.93 -6.07
CA GLY B 144 16.23 -25.41 -5.39
C GLY B 144 14.97 -25.34 -6.25
N GLY B 145 14.97 -25.91 -7.44
CA GLY B 145 13.83 -25.95 -8.34
C GLY B 145 13.68 -24.71 -9.21
N GLN B 146 14.64 -23.79 -9.22
CA GLN B 146 14.57 -22.56 -9.98
C GLN B 146 15.09 -22.70 -11.41
N ARG B 147 14.33 -22.10 -12.34
CA ARG B 147 14.70 -22.06 -13.75
C ARG B 147 15.01 -20.67 -14.30
N GLY B 148 14.62 -19.61 -13.60
CA GLY B 148 14.95 -18.26 -14.06
C GLY B 148 14.49 -17.15 -13.12
N VAL B 149 14.80 -15.90 -13.42
CA VAL B 149 14.44 -14.74 -12.63
C VAL B 149 14.13 -13.58 -13.60
N ILE B 150 12.96 -12.95 -13.44
CA ILE B 150 12.60 -11.79 -14.26
C ILE B 150 12.47 -10.54 -13.39
N ILE B 151 13.17 -9.45 -13.76
CA ILE B 151 13.13 -8.21 -13.00
C ILE B 151 12.55 -7.08 -13.83
N ASN B 152 11.51 -6.38 -13.34
CA ASN B 152 10.96 -5.24 -14.09
C ASN B 152 11.26 -3.87 -13.51
N THR B 153 11.18 -2.79 -14.29
CA THR B 153 11.40 -1.44 -13.77
C THR B 153 10.09 -0.65 -13.80
N ALA B 154 9.55 -0.29 -12.62
CA ALA B 154 8.38 0.58 -12.53
C ALA B 154 8.83 2.00 -12.22
N SER B 155 8.36 2.63 -11.16
CA SER B 155 8.76 3.99 -10.76
C SER B 155 8.01 4.42 -9.51
N VAL B 156 8.52 5.37 -8.70
CA VAL B 156 7.74 5.91 -7.59
C VAL B 156 6.51 6.66 -8.10
N ALA B 157 6.43 7.04 -9.37
CA ALA B 157 5.26 7.62 -9.99
C ALA B 157 4.04 6.70 -10.06
N ALA B 158 4.19 5.40 -9.77
CA ALA B 158 3.08 4.46 -9.68
C ALA B 158 2.30 4.72 -8.38
N PHE B 159 2.92 5.38 -7.41
CA PHE B 159 2.41 5.71 -6.10
C PHE B 159 2.19 7.21 -5.86
N GLU B 160 3.12 8.11 -6.27
CA GLU B 160 2.86 9.54 -6.11
C GLU B 160 2.95 10.28 -7.42
N GLY B 161 2.22 9.88 -8.47
CA GLY B 161 2.32 10.58 -9.77
C GLY B 161 2.13 12.09 -9.64
N GLN B 162 2.95 12.89 -10.30
CA GLN B 162 2.89 14.35 -10.26
C GLN B 162 2.01 14.96 -11.36
N VAL B 163 1.77 16.28 -11.31
CA VAL B 163 1.05 17.00 -12.37
C VAL B 163 1.77 16.76 -13.69
N GLY B 164 1.09 16.35 -14.73
CA GLY B 164 1.74 16.05 -16.00
C GLY B 164 2.17 14.60 -16.24
N GLN B 165 2.04 13.74 -15.23
CA GLN B 165 2.44 12.35 -15.35
C GLN B 165 1.35 11.32 -15.49
N ALA B 166 0.12 11.67 -15.87
CA ALA B 166 -0.92 10.68 -16.00
C ALA B 166 -0.57 9.50 -16.89
N ALA B 167 -0.06 9.67 -18.12
CA ALA B 167 0.28 8.53 -18.96
C ALA B 167 1.40 7.66 -18.38
N TYR B 168 2.47 8.29 -17.91
CA TYR B 168 3.60 7.56 -17.33
C TYR B 168 3.20 6.79 -16.07
N SER B 169 2.39 7.41 -15.20
CA SER B 169 1.94 6.74 -13.97
C SER B 169 1.02 5.56 -14.27
N ALA B 170 0.16 5.68 -15.30
CA ALA B 170 -0.71 4.61 -15.71
C ALA B 170 0.14 3.41 -16.14
N SER B 171 1.13 3.69 -17.01
CA SER B 171 2.01 2.63 -17.48
C SER B 171 2.77 1.91 -16.36
N LYS B 172 3.31 2.62 -15.37
CA LYS B 172 4.09 2.04 -14.29
C LYS B 172 3.24 1.40 -13.20
N GLY B 173 2.01 1.91 -13.05
CA GLY B 173 1.01 1.33 -12.15
C GLY B 173 0.57 -0.02 -12.71
N GLY B 174 0.48 -0.15 -14.03
CA GLY B 174 0.15 -1.43 -14.67
C GLY B 174 1.26 -2.48 -14.43
N ILE B 175 2.53 -2.09 -14.49
CA ILE B 175 3.65 -3.00 -14.14
C ILE B 175 3.54 -3.51 -12.72
N VAL B 176 3.27 -2.62 -11.77
CA VAL B 176 3.06 -2.98 -10.36
C VAL B 176 1.90 -3.96 -10.22
N GLY B 177 0.76 -3.67 -10.80
CA GLY B 177 -0.43 -4.52 -10.72
C GLY B 177 -0.24 -5.93 -11.23
N MET B 178 0.50 -6.12 -12.32
CA MET B 178 0.71 -7.46 -12.87
C MET B 178 1.87 -8.21 -12.23
N THR B 179 2.69 -7.66 -11.35
CA THR B 179 3.80 -8.37 -10.71
C THR B 179 3.39 -9.63 -9.95
N LEU B 180 2.37 -9.64 -9.09
CA LEU B 180 1.92 -10.81 -8.34
C LEU B 180 1.22 -11.88 -9.18
N PRO B 181 0.27 -11.58 -10.06
CA PRO B 181 -0.36 -12.60 -10.89
C PRO B 181 0.64 -13.29 -11.81
N ILE B 182 1.66 -12.56 -12.32
CA ILE B 182 2.71 -13.20 -13.13
C ILE B 182 3.61 -14.09 -12.29
N ALA B 183 4.02 -13.72 -11.08
CA ALA B 183 4.74 -14.60 -10.21
C ALA B 183 3.88 -15.82 -9.83
N ARG B 184 2.58 -15.70 -9.64
CA ARG B 184 1.71 -16.82 -9.31
C ARG B 184 1.57 -17.74 -10.54
N ASP B 185 1.50 -17.19 -11.76
CA ASP B 185 1.43 -17.96 -12.98
C ASP B 185 2.69 -18.80 -13.22
N LEU B 186 3.86 -18.19 -12.96
CA LEU B 186 5.11 -18.90 -13.23
C LEU B 186 5.75 -19.61 -12.04
N ALA B 187 5.01 -19.73 -10.92
CA ALA B 187 5.46 -20.53 -9.79
C ALA B 187 5.69 -22.01 -10.06
N PRO B 188 4.80 -22.71 -10.74
CA PRO B 188 4.96 -24.12 -11.06
C PRO B 188 6.21 -24.44 -11.88
N ILE B 189 6.80 -23.53 -12.66
CA ILE B 189 8.03 -23.85 -13.36
C ILE B 189 9.25 -23.18 -12.75
N GLY B 190 9.19 -22.58 -11.58
CA GLY B 190 10.34 -22.00 -10.91
C GLY B 190 10.97 -20.74 -11.47
N ILE B 191 10.13 -19.78 -11.89
CA ILE B 191 10.60 -18.49 -12.39
C ILE B 191 10.08 -17.39 -11.44
N ARG B 192 10.97 -16.68 -10.75
CA ARG B 192 10.65 -15.60 -9.83
C ARG B 192 10.43 -14.30 -10.63
N VAL B 193 9.53 -13.42 -10.16
CA VAL B 193 9.20 -12.15 -10.81
C VAL B 193 9.18 -11.02 -9.79
N VAL B 194 10.06 -10.02 -9.86
CA VAL B 194 10.22 -8.94 -8.90
C VAL B 194 10.34 -7.60 -9.64
N THR B 195 9.78 -6.54 -9.08
CA THR B 195 9.79 -5.21 -9.70
C THR B 195 10.54 -4.17 -8.87
N ILE B 196 11.38 -3.33 -9.51
CA ILE B 196 12.07 -2.26 -8.80
C ILE B 196 11.41 -0.92 -9.15
N ALA B 197 11.21 -0.01 -8.20
CA ALA B 197 10.64 1.31 -8.41
C ALA B 197 11.59 2.45 -8.01
N PRO B 198 12.33 2.95 -9.01
CA PRO B 198 13.29 4.01 -8.78
C PRO B 198 12.69 5.37 -8.52
N GLY B 199 13.36 6.18 -7.71
CA GLY B 199 12.98 7.56 -7.42
C GLY B 199 13.71 8.43 -8.46
N LEU B 200 14.44 9.49 -8.20
CA LEU B 200 15.13 10.24 -9.27
C LEU B 200 16.57 9.90 -9.52
N PHE B 201 17.00 9.49 -10.72
CA PHE B 201 18.34 9.01 -10.99
C PHE B 201 19.06 9.84 -12.07
N ALA B 202 20.39 9.90 -12.02
CA ALA B 202 21.18 10.69 -12.97
C ALA B 202 21.43 9.98 -14.29
N THR B 203 20.42 9.95 -15.16
CA THR B 203 20.53 9.30 -16.46
C THR B 203 20.05 10.28 -17.56
N PRO B 204 20.21 9.88 -18.82
CA PRO B 204 19.78 10.72 -19.94
C PRO B 204 18.28 10.92 -19.96
N SER B 219 17.92 18.39 -4.36
CA SER B 219 17.56 19.08 -3.12
C SER B 219 16.40 18.43 -2.40
N GLN B 220 15.47 17.80 -3.11
CA GLN B 220 14.30 17.18 -2.50
C GLN B 220 14.48 15.86 -1.77
N VAL B 221 15.53 15.11 -2.04
CA VAL B 221 15.72 13.77 -1.45
C VAL B 221 16.29 13.85 -0.05
N PRO B 222 15.63 13.27 0.94
CA PRO B 222 16.09 13.32 2.32
C PRO B 222 17.53 12.86 2.54
N PHE B 223 17.94 11.66 2.15
CA PHE B 223 19.33 11.22 2.31
C PHE B 223 19.58 9.91 1.59
N PRO B 224 20.66 9.81 0.83
CA PRO B 224 21.55 10.93 0.54
C PRO B 224 20.86 12.01 -0.30
N SER B 225 21.22 13.28 -0.10
CA SER B 225 20.55 14.37 -0.80
C SER B 225 21.10 14.67 -2.18
N ARG B 226 20.80 13.78 -3.12
CA ARG B 226 21.30 13.87 -4.49
C ARG B 226 20.53 12.91 -5.40
N LEU B 227 20.75 12.98 -6.71
CA LEU B 227 20.11 12.06 -7.62
C LEU B 227 20.74 10.69 -7.41
N GLY B 228 20.01 9.61 -7.64
CA GLY B 228 20.61 8.28 -7.50
C GLY B 228 21.68 8.03 -8.54
N ASP B 229 22.64 7.16 -8.26
CA ASP B 229 23.67 6.77 -9.24
C ASP B 229 23.23 5.47 -9.88
N PRO B 230 23.28 5.34 -11.20
CA PRO B 230 22.87 4.12 -11.90
C PRO B 230 23.53 2.87 -11.37
N ALA B 231 24.77 2.91 -10.88
CA ALA B 231 25.43 1.76 -10.28
C ALA B 231 24.72 1.31 -8.98
N GLU B 232 23.92 2.16 -8.33
CA GLU B 232 23.14 1.73 -7.15
C GLU B 232 21.96 0.87 -7.57
N TYR B 233 21.30 1.17 -8.72
CA TYR B 233 20.25 0.34 -9.30
C TYR B 233 20.87 -1.01 -9.73
N ALA B 234 22.05 -0.98 -10.40
CA ALA B 234 22.68 -2.27 -10.74
C ALA B 234 22.98 -3.17 -9.53
N HIS B 235 23.47 -2.61 -8.43
CA HIS B 235 23.72 -3.42 -7.21
C HIS B 235 22.40 -4.06 -6.75
N LEU B 236 21.30 -3.31 -6.74
CA LEU B 236 20.01 -3.93 -6.32
C LEU B 236 19.58 -5.04 -7.23
N VAL B 237 19.73 -4.94 -8.57
CA VAL B 237 19.42 -6.05 -9.46
C VAL B 237 20.23 -7.30 -9.10
N GLN B 238 21.56 -7.17 -8.92
CA GLN B 238 22.38 -8.33 -8.54
C GLN B 238 21.88 -9.01 -7.27
N MET B 239 21.51 -8.18 -6.28
CA MET B 239 21.03 -8.87 -5.05
C MET B 239 19.67 -9.55 -5.22
N VAL B 240 18.82 -9.08 -6.15
CA VAL B 240 17.55 -9.73 -6.44
C VAL B 240 17.79 -11.06 -7.15
N ILE B 241 18.75 -11.10 -8.10
CA ILE B 241 19.14 -12.35 -8.75
C ILE B 241 19.71 -13.36 -7.74
N GLU B 242 20.52 -12.94 -6.77
CA GLU B 242 21.08 -13.86 -5.79
C GLU B 242 20.12 -14.38 -4.70
N ASN B 243 19.13 -13.65 -4.22
CA ASN B 243 18.30 -14.11 -3.08
C ASN B 243 17.13 -14.95 -3.54
N PRO B 244 17.13 -16.24 -3.25
CA PRO B 244 16.09 -17.16 -3.67
C PRO B 244 14.69 -17.03 -3.08
N PHE B 245 14.47 -16.22 -2.05
CA PHE B 245 13.15 -16.15 -1.44
C PHE B 245 12.43 -14.85 -1.78
N LEU B 246 13.05 -13.98 -2.59
CA LEU B 246 12.39 -12.70 -2.95
C LEU B 246 11.50 -12.89 -4.15
N ASN B 247 10.17 -12.67 -4.05
CA ASN B 247 9.30 -12.99 -5.19
C ASN B 247 7.96 -12.26 -5.06
N GLY B 248 7.43 -11.77 -6.17
CA GLY B 248 6.14 -11.13 -6.24
C GLY B 248 6.05 -9.79 -5.49
N GLU B 249 7.15 -9.11 -5.29
CA GLU B 249 7.24 -7.88 -4.52
C GLU B 249 7.74 -6.69 -5.36
N VAL B 250 7.48 -5.48 -4.94
CA VAL B 250 7.95 -4.22 -5.52
C VAL B 250 8.84 -3.51 -4.50
N ILE B 251 10.04 -3.04 -4.86
CA ILE B 251 11.00 -2.41 -3.95
C ILE B 251 11.33 -0.98 -4.39
N ARG B 252 11.08 0.02 -3.53
CA ARG B 252 11.41 1.39 -3.80
C ARG B 252 12.91 1.67 -3.60
N LEU B 253 13.57 2.36 -4.53
CA LEU B 253 14.99 2.70 -4.44
C LEU B 253 15.08 4.21 -4.71
N ASP B 254 14.99 5.00 -3.63
CA ASP B 254 14.73 6.44 -3.78
C ASP B 254 15.24 7.39 -2.72
N GLY B 255 16.13 7.01 -1.79
CA GLY B 255 16.60 7.98 -0.81
C GLY B 255 15.56 8.50 0.17
N ALA B 256 14.40 7.85 0.29
CA ALA B 256 13.29 8.19 1.16
C ALA B 256 12.44 9.34 0.62
N ILE B 257 12.55 9.70 -0.66
CA ILE B 257 11.73 10.81 -1.17
C ILE B 257 10.27 10.38 -1.31
N ARG B 258 9.34 11.32 -1.21
CA ARG B 258 7.91 11.16 -1.48
C ARG B 258 7.54 12.37 -2.38
N MET B 259 7.11 12.12 -3.60
CA MET B 259 6.89 13.19 -4.58
C MET B 259 5.69 14.11 -4.36
N GLN B 260 5.95 15.41 -4.49
CA GLN B 260 4.94 16.47 -4.45
C GLN B 260 4.39 16.69 -5.85
N PRO B 261 3.18 17.41 -5.80
CA PRO B 261 2.55 17.68 -7.10
C PRO B 261 3.46 18.36 -8.12
N SER C 7 -30.31 4.63 6.54
CA SER C 7 -30.81 5.14 7.85
C SER C 7 -30.09 4.62 9.08
N VAL C 8 -29.81 5.52 10.02
CA VAL C 8 -29.22 5.21 11.31
C VAL C 8 -30.27 5.37 12.41
N LYS C 9 -31.53 5.58 12.00
CA LYS C 9 -32.61 5.86 12.95
C LYS C 9 -32.75 4.76 13.99
N GLY C 10 -32.74 5.10 15.28
CA GLY C 10 -32.88 4.05 16.30
C GLY C 10 -31.60 3.37 16.77
N LEU C 11 -30.49 3.43 16.03
CA LEU C 11 -29.25 2.75 16.41
C LEU C 11 -28.63 3.40 17.64
N VAL C 12 -27.91 2.65 18.47
CA VAL C 12 -27.27 3.20 19.65
C VAL C 12 -25.74 3.22 19.44
N ALA C 13 -25.11 4.39 19.50
CA ALA C 13 -23.68 4.50 19.28
C ALA C 13 -22.89 4.97 20.51
N VAL C 14 -21.70 4.38 20.75
CA VAL C 14 -20.80 4.88 21.78
C VAL C 14 -19.60 5.55 21.06
N ILE C 15 -19.33 6.82 21.34
CA ILE C 15 -18.31 7.60 20.66
C ILE C 15 -17.22 8.09 21.62
N THR C 16 -16.01 7.51 21.55
CA THR C 16 -14.91 7.92 22.41
C THR C 16 -14.31 9.23 21.85
N GLY C 17 -13.89 10.08 22.79
CA GLY C 17 -13.42 11.43 22.45
C GLY C 17 -14.62 12.24 21.92
N GLY C 18 -15.82 11.93 22.39
CA GLY C 18 -17.04 12.61 21.94
C GLY C 18 -17.29 13.99 22.51
N ALA C 19 -16.45 14.55 23.40
CA ALA C 19 -16.70 15.90 23.91
C ALA C 19 -16.18 16.98 22.98
N SER C 20 -15.38 16.65 21.98
CA SER C 20 -14.75 17.65 21.12
C SER C 20 -14.49 17.21 19.70
N GLY C 21 -14.17 18.14 18.82
CA GLY C 21 -13.74 17.87 17.47
C GLY C 21 -14.45 16.83 16.64
N LEU C 22 -13.75 15.80 16.12
CA LEU C 22 -14.36 14.80 15.24
C LEU C 22 -15.44 13.96 15.90
N GLY C 23 -15.17 13.56 17.15
CA GLY C 23 -16.16 12.77 17.88
C GLY C 23 -17.42 13.59 18.15
N LEU C 24 -17.26 14.87 18.56
CA LEU C 24 -18.49 15.66 18.82
C LEU C 24 -19.33 15.89 17.57
N SER C 25 -18.68 16.25 16.46
CA SER C 25 -19.39 16.44 15.17
C SER C 25 -20.12 15.20 14.71
N THR C 26 -19.51 14.02 14.97
CA THR C 26 -20.13 12.74 14.65
C THR C 26 -21.39 12.52 15.49
N ALA C 27 -21.34 12.86 16.77
CA ALA C 27 -22.52 12.74 17.64
C ALA C 27 -23.65 13.68 17.19
N LYS C 28 -23.30 14.93 16.89
CA LYS C 28 -24.28 15.88 16.36
C LYS C 28 -25.02 15.32 15.13
N ARG C 29 -24.31 14.84 14.11
CA ARG C 29 -24.94 14.27 12.92
C ARG C 29 -25.83 13.07 13.22
N LEU C 30 -25.33 12.09 13.96
CA LEU C 30 -26.10 10.87 14.26
C LEU C 30 -27.34 11.19 15.07
N VAL C 31 -27.25 12.00 16.12
CA VAL C 31 -28.45 12.38 16.87
C VAL C 31 -29.44 13.14 16.02
N GLY C 32 -28.99 13.99 15.11
CA GLY C 32 -29.78 14.73 14.13
C GLY C 32 -30.54 13.80 13.19
N GLN C 33 -30.03 12.61 12.91
CA GLN C 33 -30.67 11.63 12.06
C GLN C 33 -31.50 10.59 12.84
N GLY C 34 -31.70 10.83 14.15
CA GLY C 34 -32.52 9.93 14.94
C GLY C 34 -31.86 8.82 15.70
N ALA C 35 -30.53 8.86 15.87
CA ALA C 35 -29.85 7.79 16.60
C ALA C 35 -29.67 8.24 18.05
N THR C 36 -29.22 7.34 18.92
CA THR C 36 -28.89 7.73 20.29
C THR C 36 -27.36 7.70 20.41
N ALA C 37 -26.80 8.63 21.19
CA ALA C 37 -25.34 8.66 21.34
C ALA C 37 -24.85 8.75 22.78
N VAL C 38 -23.77 8.05 23.10
CA VAL C 38 -23.15 8.10 24.42
C VAL C 38 -21.74 8.68 24.27
N LEU C 39 -21.44 9.85 24.81
CA LEU C 39 -20.11 10.45 24.69
C LEU C 39 -19.18 9.91 25.77
N LEU C 40 -18.11 9.21 25.37
CA LEU C 40 -17.11 8.69 26.29
C LEU C 40 -15.87 9.57 26.22
N ASP C 41 -15.59 10.28 27.33
CA ASP C 41 -14.48 11.22 27.38
C ASP C 41 -14.06 11.47 28.84
N VAL C 42 -12.95 12.15 29.04
CA VAL C 42 -12.43 12.36 30.40
C VAL C 42 -13.23 13.36 31.21
N PRO C 43 -13.17 13.26 32.54
CA PRO C 43 -13.97 14.07 33.45
C PRO C 43 -13.75 15.57 33.31
N ASN C 44 -12.58 16.05 32.96
CA ASN C 44 -12.19 17.44 32.77
C ASN C 44 -12.68 18.04 31.47
N SER C 45 -13.28 17.23 30.59
CA SER C 45 -13.75 17.75 29.31
C SER C 45 -15.10 18.46 29.52
N GLU C 46 -15.61 18.99 28.42
CA GLU C 46 -16.92 19.59 28.36
C GLU C 46 -18.02 18.60 27.96
N GLY C 47 -17.85 17.30 28.18
CA GLY C 47 -18.82 16.30 27.81
C GLY C 47 -20.24 16.49 28.29
N GLU C 48 -20.37 16.80 29.59
CA GLU C 48 -21.65 16.97 30.22
C GLU C 48 -22.44 18.10 29.56
N THR C 49 -21.84 19.26 29.33
CA THR C 49 -22.63 20.32 28.72
C THR C 49 -22.88 20.10 27.22
N GLU C 50 -22.04 19.40 26.48
CA GLU C 50 -22.37 19.08 25.10
C GLU C 50 -23.50 18.06 25.02
N ALA C 51 -23.53 17.10 25.96
CA ALA C 51 -24.58 16.10 25.99
C ALA C 51 -25.94 16.72 26.32
N LYS C 52 -25.93 17.73 27.19
CA LYS C 52 -27.14 18.43 27.57
C LYS C 52 -27.64 19.29 26.40
N LYS C 53 -26.76 19.94 25.67
CA LYS C 53 -27.18 20.74 24.51
C LYS C 53 -27.85 19.88 23.44
N LEU C 54 -27.43 18.63 23.28
CA LEU C 54 -28.00 17.73 22.30
C LEU C 54 -29.31 17.08 22.71
N GLY C 55 -29.73 17.23 23.96
CA GLY C 55 -31.01 16.68 24.37
C GLY C 55 -30.97 15.34 25.05
N GLY C 56 -32.14 14.75 25.23
CA GLY C 56 -32.30 13.49 25.95
C GLY C 56 -31.82 12.23 25.23
N ASN C 57 -31.56 12.29 23.92
CA ASN C 57 -30.99 11.12 23.24
C ASN C 57 -29.45 11.14 23.19
N CYS C 58 -28.81 11.97 23.99
CA CYS C 58 -27.36 12.05 24.10
C CYS C 58 -26.93 12.19 25.58
N ILE C 59 -26.19 11.24 26.12
CA ILE C 59 -25.71 11.29 27.50
C ILE C 59 -24.16 11.26 27.55
N PHE C 60 -23.63 11.68 28.69
CA PHE C 60 -22.18 11.69 28.93
C PHE C 60 -21.77 10.61 29.91
N ALA C 61 -20.73 9.85 29.58
CA ALA C 61 -20.16 8.83 30.46
C ALA C 61 -18.65 9.02 30.62
N PRO C 62 -18.23 9.62 31.72
CA PRO C 62 -16.82 9.84 32.01
C PRO C 62 -16.00 8.57 32.16
N ALA C 63 -14.91 8.51 31.35
CA ALA C 63 -14.01 7.36 31.36
C ALA C 63 -12.71 7.65 30.62
N ASN C 64 -11.61 7.07 31.09
CA ASN C 64 -10.33 7.14 30.40
C ASN C 64 -10.21 5.88 29.55
N VAL C 65 -9.95 5.92 28.25
CA VAL C 65 -9.90 4.68 27.46
C VAL C 65 -8.78 3.72 27.86
N THR C 66 -7.75 4.13 28.63
CA THR C 66 -6.72 3.22 29.03
C THR C 66 -7.13 2.38 30.25
N SER C 67 -8.23 2.74 30.91
CA SER C 67 -8.71 1.97 32.07
C SER C 67 -9.79 0.96 31.73
N GLU C 68 -9.58 -0.34 31.88
CA GLU C 68 -10.65 -1.29 31.62
C GLU C 68 -11.80 -1.20 32.63
N LYS C 69 -11.59 -0.71 33.86
CA LYS C 69 -12.72 -0.59 34.79
C LYS C 69 -13.64 0.54 34.34
N GLU C 70 -13.09 1.69 33.96
CA GLU C 70 -13.90 2.82 33.55
C GLU C 70 -14.60 2.57 32.23
N VAL C 71 -13.93 1.86 31.31
CA VAL C 71 -14.57 1.62 29.99
C VAL C 71 -15.72 0.65 30.19
N GLN C 72 -15.51 -0.46 30.92
CA GLN C 72 -16.55 -1.40 31.24
C GLN C 72 -17.75 -0.74 31.94
N ALA C 73 -17.50 0.19 32.87
CA ALA C 73 -18.65 0.83 33.52
C ALA C 73 -19.43 1.72 32.54
N ALA C 74 -18.74 2.36 31.58
CA ALA C 74 -19.42 3.23 30.61
C ALA C 74 -20.28 2.44 29.66
N LEU C 75 -19.78 1.29 29.19
CA LEU C 75 -20.53 0.41 28.31
C LEU C 75 -21.75 -0.18 29.04
N THR C 76 -21.61 -0.53 30.32
CA THR C 76 -22.75 -1.00 31.11
C THR C 76 -23.82 0.11 31.22
N LEU C 77 -23.44 1.35 31.46
CA LEU C 77 -24.39 2.45 31.52
C LEU C 77 -25.16 2.64 30.20
N ALA C 78 -24.47 2.53 29.06
CA ALA C 78 -25.12 2.67 27.77
C ALA C 78 -26.15 1.58 27.51
N LYS C 79 -25.80 0.33 27.81
CA LYS C 79 -26.67 -0.81 27.60
C LYS C 79 -27.94 -0.73 28.47
N GLU C 80 -27.78 -0.36 29.73
CA GLU C 80 -28.94 -0.22 30.62
C GLU C 80 -29.80 0.97 30.22
N LYS C 81 -29.25 2.15 29.94
CA LYS C 81 -30.01 3.32 29.55
C LYS C 81 -30.75 3.15 28.23
N PHE C 82 -30.08 2.59 27.22
CA PHE C 82 -30.68 2.45 25.89
C PHE C 82 -31.03 1.04 25.45
N GLY C 83 -30.74 -0.01 26.19
CA GLY C 83 -31.09 -1.37 25.81
C GLY C 83 -30.07 -2.21 25.09
N ARG C 84 -29.17 -1.60 24.31
CA ARG C 84 -28.19 -2.36 23.54
C ARG C 84 -27.09 -1.44 23.00
N ILE C 85 -26.09 -1.95 22.31
CA ILE C 85 -25.06 -1.13 21.66
C ILE C 85 -24.94 -1.61 20.21
N ASP C 86 -25.17 -0.72 19.25
CA ASP C 86 -25.07 -1.14 17.83
C ASP C 86 -23.79 -0.70 17.11
N VAL C 87 -23.22 0.45 17.46
CA VAL C 87 -22.10 1.08 16.79
C VAL C 87 -21.07 1.61 17.81
N ALA C 88 -19.77 1.48 17.48
CA ALA C 88 -18.74 2.06 18.34
C ALA C 88 -17.81 2.88 17.47
N VAL C 89 -17.51 4.12 17.86
CA VAL C 89 -16.60 4.98 17.06
C VAL C 89 -15.39 5.40 17.91
N ASN C 90 -14.17 5.01 17.55
CA ASN C 90 -12.99 5.43 18.39
C ASN C 90 -12.35 6.73 17.88
N CYS C 91 -12.53 7.86 18.56
CA CYS C 91 -11.93 9.13 18.19
C CYS C 91 -10.98 9.65 19.29
N ALA C 92 -11.01 9.13 20.50
CA ALA C 92 -10.11 9.57 21.58
C ALA C 92 -8.64 9.46 21.18
N GLY C 93 -7.88 10.55 21.33
CA GLY C 93 -6.48 10.51 20.90
C GLY C 93 -5.68 11.75 21.27
N ILE C 94 -4.35 11.65 21.30
CA ILE C 94 -3.48 12.75 21.65
C ILE C 94 -2.32 12.84 20.65
N ALA C 95 -1.52 13.88 20.66
CA ALA C 95 -0.37 13.99 19.75
C ALA C 95 0.82 14.72 20.40
N VAL C 96 2.04 14.50 19.91
CA VAL C 96 3.24 15.18 20.37
C VAL C 96 4.07 15.46 19.10
N ALA C 97 5.05 16.35 19.19
CA ALA C 97 5.94 16.69 18.07
C ALA C 97 7.35 16.71 18.66
N ILE C 98 8.04 15.58 18.60
CA ILE C 98 9.38 15.41 19.17
C ILE C 98 10.24 14.54 18.26
N LYS C 99 11.42 15.02 17.81
CA LYS C 99 12.29 14.20 16.99
C LYS C 99 12.85 12.99 17.74
N THR C 100 13.24 11.94 17.00
CA THR C 100 13.88 10.76 17.57
C THR C 100 15.20 11.16 18.24
N TYR C 101 15.97 11.99 17.55
CA TYR C 101 17.21 12.52 18.09
C TYR C 101 17.44 13.91 17.49
N HIS C 102 17.88 14.87 18.31
CA HIS C 102 18.18 16.24 17.82
C HIS C 102 19.65 16.56 18.06
N GLU C 103 20.44 16.72 17.00
CA GLU C 103 21.89 16.83 17.11
C GLU C 103 22.47 18.05 17.82
N LYS C 104 22.00 19.24 17.46
CA LYS C 104 22.47 20.50 18.02
C LYS C 104 22.33 20.57 19.54
N LYS C 105 21.15 20.21 20.04
CA LYS C 105 20.88 20.23 21.48
C LYS C 105 21.24 18.91 22.15
N ASN C 106 21.70 17.93 21.39
CA ASN C 106 22.01 16.60 21.85
C ASN C 106 20.87 15.89 22.58
N GLN C 107 19.62 16.08 22.19
CA GLN C 107 18.47 15.54 22.91
C GLN C 107 17.86 14.26 22.34
N VAL C 108 17.72 13.27 23.20
CA VAL C 108 17.12 11.99 22.78
C VAL C 108 15.65 11.99 23.17
N HIS C 109 14.75 11.56 22.28
CA HIS C 109 13.33 11.41 22.60
C HIS C 109 13.17 10.56 23.86
N THR C 110 12.38 10.96 24.87
CA THR C 110 12.29 10.09 26.05
C THR C 110 11.47 8.84 25.80
N LEU C 111 11.73 7.76 26.54
CA LEU C 111 10.96 6.53 26.36
C LEU C 111 9.52 6.73 26.84
N GLU C 112 9.38 7.52 27.91
CA GLU C 112 8.10 7.83 28.52
C GLU C 112 7.15 8.59 27.61
N ASP C 113 7.64 9.55 26.84
CA ASP C 113 6.75 10.25 25.91
C ASP C 113 6.26 9.34 24.77
N PHE C 114 7.10 8.43 24.30
CA PHE C 114 6.67 7.46 23.25
C PHE C 114 5.62 6.53 23.83
N GLN C 115 5.87 5.98 25.01
CA GLN C 115 4.94 5.09 25.70
C GLN C 115 3.58 5.71 25.95
N ARG C 116 3.54 6.98 26.37
CA ARG C 116 2.26 7.64 26.60
C ARG C 116 1.33 7.68 25.39
N VAL C 117 1.87 8.15 24.26
CA VAL C 117 1.14 8.22 23.00
C VAL C 117 0.65 6.84 22.54
N ILE C 118 1.47 5.79 22.63
CA ILE C 118 1.05 4.44 22.26
C ILE C 118 -0.10 3.98 23.18
N ASN C 119 0.02 4.26 24.47
CA ASN C 119 -0.98 3.85 25.46
C ASN C 119 -2.36 4.43 25.17
N VAL C 120 -2.49 5.76 24.99
CA VAL C 120 -3.81 6.35 24.72
C VAL C 120 -4.35 5.98 23.36
N ASN C 121 -3.57 6.17 22.28
CA ASN C 121 -4.02 5.98 20.92
C ASN C 121 -4.22 4.56 20.45
N LEU C 122 -3.25 3.67 20.68
CA LEU C 122 -3.32 2.27 20.24
C LEU C 122 -3.85 1.31 21.28
N ILE C 123 -3.30 1.28 22.50
CA ILE C 123 -3.81 0.38 23.55
C ILE C 123 -5.23 0.77 23.95
N GLY C 124 -5.55 2.07 24.05
CA GLY C 124 -6.90 2.51 24.39
C GLY C 124 -7.94 2.13 23.34
N THR C 125 -7.58 2.26 22.05
CA THR C 125 -8.54 1.80 21.01
C THR C 125 -8.76 0.28 21.06
N PHE C 126 -7.79 -0.58 21.26
CA PHE C 126 -7.99 -2.03 21.36
C PHE C 126 -8.83 -2.39 22.62
N ASN C 127 -8.65 -1.66 23.70
CA ASN C 127 -9.39 -1.88 24.95
C ASN C 127 -10.88 -1.63 24.69
N VAL C 128 -11.23 -0.53 24.02
CA VAL C 128 -12.63 -0.28 23.68
C VAL C 128 -13.16 -1.37 22.74
N ILE C 129 -12.43 -1.77 21.71
CA ILE C 129 -12.84 -2.79 20.77
C ILE C 129 -13.10 -4.14 21.48
N ARG C 130 -12.16 -4.64 22.28
CA ARG C 130 -12.31 -5.94 22.93
C ARG C 130 -13.53 -5.98 23.86
N LEU C 131 -13.81 -4.93 24.60
CA LEU C 131 -14.96 -4.95 25.53
C LEU C 131 -16.32 -4.69 24.85
N VAL C 132 -16.36 -3.85 23.81
CA VAL C 132 -17.63 -3.60 23.13
C VAL C 132 -18.03 -4.78 22.27
N ALA C 133 -17.13 -5.61 21.78
CA ALA C 133 -17.46 -6.75 20.93
C ALA C 133 -18.37 -7.75 21.60
N GLY C 134 -18.07 -8.03 22.88
CA GLY C 134 -18.88 -8.98 23.66
C GLY C 134 -20.29 -8.42 23.85
N VAL C 135 -20.45 -7.12 24.03
CA VAL C 135 -21.78 -6.53 24.17
C VAL C 135 -22.57 -6.56 22.86
N MET C 136 -21.93 -6.30 21.73
CA MET C 136 -22.56 -6.39 20.42
C MET C 136 -22.97 -7.83 20.12
N GLY C 137 -22.17 -8.79 20.58
CA GLY C 137 -22.43 -10.20 20.42
C GLY C 137 -23.78 -10.63 21.03
N GLN C 138 -24.31 -9.90 22.00
CA GLN C 138 -25.59 -10.21 22.64
C GLN C 138 -26.76 -9.88 21.72
N ASN C 139 -26.61 -8.98 20.73
CA ASN C 139 -27.69 -8.62 19.86
C ASN C 139 -28.18 -9.74 18.93
N GLU C 140 -29.46 -9.72 18.58
CA GLU C 140 -30.01 -10.68 17.62
C GLU C 140 -29.53 -10.22 16.24
N PRO C 141 -29.03 -11.11 15.41
CA PRO C 141 -28.58 -10.75 14.09
C PRO C 141 -29.71 -10.17 13.26
N ASP C 142 -29.44 -9.11 12.49
CA ASP C 142 -30.44 -8.56 11.59
C ASP C 142 -30.70 -9.52 10.43
N GLN C 143 -31.46 -9.09 9.43
CA GLN C 143 -31.75 -9.98 8.29
C GLN C 143 -30.52 -10.41 7.51
N GLY C 144 -29.47 -9.60 7.41
CA GLY C 144 -28.23 -9.98 6.75
C GLY C 144 -27.17 -10.58 7.66
N GLY C 145 -27.50 -10.94 8.89
CA GLY C 145 -26.56 -11.57 9.81
C GLY C 145 -25.70 -10.63 10.62
N GLN C 146 -25.84 -9.32 10.49
CA GLN C 146 -25.04 -8.35 11.22
C GLN C 146 -25.51 -8.08 12.65
N ARG C 147 -24.55 -7.97 13.58
CA ARG C 147 -24.79 -7.60 14.95
C ARG C 147 -24.18 -6.26 15.39
N GLY C 148 -23.21 -5.71 14.62
CA GLY C 148 -22.63 -4.43 15.00
C GLY C 148 -21.61 -3.87 14.01
N VAL C 149 -21.09 -2.67 14.21
CA VAL C 149 -20.11 -2.02 13.37
C VAL C 149 -19.17 -1.20 14.25
N ILE C 150 -17.86 -1.36 14.03
CA ILE C 150 -16.82 -0.64 14.78
C ILE C 150 -15.96 0.16 13.81
N ILE C 151 -15.88 1.48 14.01
CA ILE C 151 -15.10 2.41 13.19
C ILE C 151 -13.95 3.01 14.01
N ASN C 152 -12.71 2.90 13.53
CA ASN C 152 -11.57 3.47 14.22
C ASN C 152 -10.99 4.71 13.50
N THR C 153 -10.19 5.54 14.17
CA THR C 153 -9.59 6.71 13.56
C THR C 153 -8.05 6.58 13.59
N ALA C 154 -7.47 6.47 12.40
CA ALA C 154 -6.00 6.41 12.27
C ALA C 154 -5.53 7.79 11.82
N SER C 155 -4.78 7.91 10.73
CA SER C 155 -4.29 9.21 10.24
C SER C 155 -3.48 9.03 8.98
N VAL C 156 -3.30 10.04 8.13
CA VAL C 156 -2.38 9.90 7.00
C VAL C 156 -0.93 9.77 7.47
N ALA C 157 -0.60 10.16 8.70
CA ALA C 157 0.68 9.93 9.35
C ALA C 157 1.05 8.45 9.50
N ALA C 158 0.16 7.49 9.29
CA ALA C 158 0.50 6.07 9.27
C ALA C 158 1.23 5.70 7.98
N PHE C 159 1.07 6.54 6.93
CA PHE C 159 1.68 6.36 5.63
C PHE C 159 2.75 7.38 5.28
N GLU C 160 2.55 8.67 5.59
CA GLU C 160 3.58 9.68 5.36
C GLU C 160 3.98 10.43 6.62
N GLY C 161 4.41 9.78 7.71
CA GLY C 161 4.78 10.48 8.93
C GLY C 161 5.87 11.54 8.69
N GLN C 162 5.71 12.72 9.26
CA GLN C 162 6.66 13.83 9.11
C GLN C 162 7.74 13.84 10.19
N VAL C 163 8.71 14.77 10.02
CA VAL C 163 9.73 14.99 11.06
C VAL C 163 9.06 15.29 12.39
N GLY C 164 9.42 14.57 13.48
CA GLY C 164 8.75 14.83 14.75
C GLY C 164 7.54 13.96 15.08
N GLN C 165 7.06 13.16 14.13
CA GLN C 165 5.89 12.31 14.37
C GLN C 165 6.16 10.84 14.61
N ALA C 166 7.35 10.42 15.01
CA ALA C 166 7.60 9.00 15.22
C ALA C 166 6.63 8.34 16.21
N ALA C 167 6.35 8.96 17.36
CA ALA C 167 5.43 8.28 18.29
C ALA C 167 3.98 8.22 17.75
N TYR C 168 3.48 9.35 17.25
CA TYR C 168 2.12 9.39 16.68
C TYR C 168 1.99 8.43 15.50
N SER C 169 2.93 8.40 14.56
CA SER C 169 2.89 7.48 13.40
C SER C 169 2.88 6.00 13.78
N ALA C 170 3.66 5.64 14.78
CA ALA C 170 3.72 4.29 15.30
C ALA C 170 2.33 3.93 15.88
N SER C 171 1.73 4.84 16.63
CA SER C 171 0.40 4.54 17.20
C SER C 171 -0.66 4.35 16.10
N LYS C 172 -0.67 5.18 15.06
CA LYS C 172 -1.68 5.08 14.01
C LYS C 172 -1.40 3.96 13.03
N GLY C 173 -0.14 3.57 12.86
CA GLY C 173 0.26 2.47 11.94
C GLY C 173 -0.17 1.18 12.64
N GLY C 174 -0.14 1.15 13.96
CA GLY C 174 -0.65 -0.01 14.72
C GLY C 174 -2.16 -0.19 14.53
N ILE C 175 -2.93 0.90 14.52
CA ILE C 175 -4.37 0.79 14.23
C ILE C 175 -4.61 0.22 12.84
N VAL C 176 -3.92 0.77 11.82
CA VAL C 176 -4.04 0.24 10.44
C VAL C 176 -3.76 -1.26 10.38
N GLY C 177 -2.59 -1.68 10.89
CA GLY C 177 -2.16 -3.08 10.90
C GLY C 177 -3.10 -4.06 11.61
N MET C 178 -3.82 -3.65 12.66
CA MET C 178 -4.75 -4.58 13.32
C MET C 178 -6.16 -4.57 12.75
N THR C 179 -6.46 -3.70 11.76
CA THR C 179 -7.82 -3.60 11.20
C THR C 179 -8.27 -4.93 10.58
N LEU C 180 -7.47 -5.55 9.72
CA LEU C 180 -7.85 -6.83 9.08
C LEU C 180 -7.94 -8.03 9.99
N PRO C 181 -7.01 -8.32 10.88
CA PRO C 181 -7.12 -9.46 11.81
C PRO C 181 -8.31 -9.34 12.73
N ILE C 182 -8.68 -8.12 13.16
CA ILE C 182 -9.84 -7.93 14.02
C ILE C 182 -11.12 -8.16 13.20
N ALA C 183 -11.23 -7.64 11.99
CA ALA C 183 -12.38 -8.00 11.14
C ALA C 183 -12.45 -9.50 10.90
N ARG C 184 -11.38 -10.22 10.65
CA ARG C 184 -11.39 -11.67 10.44
C ARG C 184 -11.80 -12.37 11.75
N ASP C 185 -11.35 -11.90 12.90
CA ASP C 185 -11.72 -12.53 14.17
C ASP C 185 -13.24 -12.43 14.41
N LEU C 186 -13.82 -11.27 14.16
CA LEU C 186 -15.22 -11.02 14.46
C LEU C 186 -16.21 -11.37 13.36
N ALA C 187 -15.73 -11.92 12.24
CA ALA C 187 -16.59 -12.32 11.14
C ALA C 187 -17.68 -13.30 11.53
N PRO C 188 -17.34 -14.36 12.29
CA PRO C 188 -18.31 -15.35 12.72
C PRO C 188 -19.47 -14.80 13.51
N ILE C 189 -19.40 -13.66 14.18
CA ILE C 189 -20.53 -13.11 14.88
C ILE C 189 -21.07 -11.84 14.18
N GLY C 190 -20.68 -11.51 12.96
CA GLY C 190 -21.34 -10.42 12.24
C GLY C 190 -21.02 -9.00 12.65
N ILE C 191 -19.77 -8.73 13.02
CA ILE C 191 -19.34 -7.38 13.41
C ILE C 191 -18.31 -6.89 12.37
N ARG C 192 -18.61 -5.80 11.68
CA ARG C 192 -17.71 -5.20 10.67
C ARG C 192 -16.72 -4.27 11.35
N VAL C 193 -15.47 -4.16 10.86
CA VAL C 193 -14.43 -3.32 11.44
C VAL C 193 -13.74 -2.50 10.36
N VAL C 194 -13.89 -1.16 10.34
CA VAL C 194 -13.36 -0.28 9.29
C VAL C 194 -12.61 0.88 9.95
N THR C 195 -11.58 1.40 9.28
CA THR C 195 -10.74 2.49 9.81
C THR C 195 -10.72 3.70 8.89
N ILE C 196 -10.87 4.91 9.43
CA ILE C 196 -10.74 6.16 8.63
C ILE C 196 -9.40 6.84 8.95
N ALA C 197 -8.71 7.33 7.91
CA ALA C 197 -7.47 8.07 8.01
C ALA C 197 -7.61 9.52 7.51
N PRO C 198 -7.84 10.43 8.44
CA PRO C 198 -7.97 11.85 8.11
C PRO C 198 -6.64 12.51 7.81
N GLY C 199 -6.67 13.49 6.91
CA GLY C 199 -5.59 14.39 6.54
C GLY C 199 -5.61 15.54 7.53
N LEU C 200 -5.64 16.81 7.20
CA LEU C 200 -5.65 17.89 8.20
C LEU C 200 -7.00 18.53 8.43
N PHE C 201 -7.54 18.53 9.66
CA PHE C 201 -8.90 19.00 9.95
C PHE C 201 -8.92 20.15 10.99
N ALA C 202 -9.91 21.04 10.84
CA ALA C 202 -10.04 22.20 11.72
C ALA C 202 -10.64 21.86 13.07
N THR C 203 -9.84 21.36 14.01
CA THR C 203 -10.26 20.97 15.34
C THR C 203 -9.26 21.51 16.37
N PRO C 204 -9.64 21.48 17.63
CA PRO C 204 -8.79 21.94 18.72
C PRO C 204 -7.50 21.18 18.84
N SER C 219 -2.77 26.99 0.69
CA SER C 219 -1.65 26.33 1.36
C SER C 219 -1.89 24.85 1.65
N GLN C 220 -1.26 23.99 0.83
CA GLN C 220 -1.16 22.57 1.01
C GLN C 220 -1.95 21.55 0.22
N VAL C 221 -3.20 21.39 0.60
CA VAL C 221 -4.16 20.44 0.04
C VAL C 221 -4.55 20.78 -1.39
N PRO C 222 -4.46 19.84 -2.31
CA PRO C 222 -4.82 20.07 -3.71
C PRO C 222 -6.23 20.62 -3.89
N PHE C 223 -7.27 19.94 -3.43
CA PHE C 223 -8.64 20.42 -3.54
C PHE C 223 -9.61 19.57 -2.72
N PRO C 224 -10.52 20.21 -1.99
CA PRO C 224 -10.53 21.67 -1.83
C PRO C 224 -9.31 22.14 -1.07
N SER C 225 -8.79 23.34 -1.36
CA SER C 225 -7.57 23.81 -0.71
C SER C 225 -7.78 24.49 0.64
N ARG C 226 -8.01 23.67 1.68
CA ARG C 226 -8.36 24.13 3.00
C ARG C 226 -8.35 22.97 4.01
N LEU C 227 -8.41 23.29 5.31
CA LEU C 227 -8.52 22.25 6.33
C LEU C 227 -9.84 21.52 6.13
N GLY C 228 -9.93 20.26 6.51
CA GLY C 228 -11.21 19.56 6.40
C GLY C 228 -12.18 20.06 7.47
N ASP C 229 -13.48 19.95 7.20
CA ASP C 229 -14.50 20.35 8.19
C ASP C 229 -14.95 19.10 8.93
N PRO C 230 -15.03 19.13 10.26
CA PRO C 230 -15.42 17.98 11.05
C PRO C 230 -16.71 17.36 10.56
N ALA C 231 -17.65 18.14 10.01
CA ALA C 231 -18.90 17.59 9.50
C ALA C 231 -18.67 16.65 8.30
N GLU C 232 -17.54 16.74 7.59
CA GLU C 232 -17.24 15.84 6.48
C GLU C 232 -16.78 14.49 7.02
N TYR C 233 -16.05 14.46 8.12
CA TYR C 233 -15.70 13.17 8.78
C TYR C 233 -16.97 12.52 9.27
N ALA C 234 -17.90 13.26 9.89
CA ALA C 234 -19.17 12.68 10.37
C ALA C 234 -19.98 12.07 9.22
N HIS C 235 -19.99 12.73 8.06
CA HIS C 235 -20.75 12.16 6.92
C HIS C 235 -20.14 10.83 6.52
N LEU C 236 -18.82 10.70 6.46
CA LEU C 236 -18.17 9.42 6.10
C LEU C 236 -18.48 8.33 7.12
N VAL C 237 -18.49 8.63 8.43
CA VAL C 237 -18.89 7.65 9.44
C VAL C 237 -20.28 7.11 9.14
N GLN C 238 -21.25 8.00 8.90
CA GLN C 238 -22.62 7.55 8.58
C GLN C 238 -22.65 6.61 7.37
N MET C 239 -21.87 6.92 6.33
CA MET C 239 -21.89 6.03 5.17
C MET C 239 -21.27 4.67 5.48
N VAL C 240 -20.28 4.64 6.36
CA VAL C 240 -19.67 3.36 6.73
C VAL C 240 -20.69 2.54 7.52
N ILE C 241 -21.45 3.18 8.41
CA ILE C 241 -22.49 2.45 9.15
C ILE C 241 -23.55 1.89 8.21
N GLU C 242 -24.00 2.66 7.21
CA GLU C 242 -25.05 2.16 6.29
C GLU C 242 -24.62 1.14 5.25
N ASN C 243 -23.36 1.05 4.79
CA ASN C 243 -23.03 0.13 3.71
C ASN C 243 -22.61 -1.23 4.25
N PRO C 244 -23.38 -2.28 3.98
CA PRO C 244 -23.11 -3.60 4.52
C PRO C 244 -21.95 -4.37 3.95
N PHE C 245 -21.35 -3.92 2.84
CA PHE C 245 -20.24 -4.73 2.28
C PHE C 245 -18.88 -4.13 2.53
N LEU C 246 -18.76 -3.02 3.25
CA LEU C 246 -17.46 -2.38 3.53
C LEU C 246 -16.83 -2.97 4.78
N ASN C 247 -15.65 -3.61 4.70
CA ASN C 247 -15.16 -4.34 5.89
C ASN C 247 -13.66 -4.59 5.77
N GLY C 248 -12.93 -4.40 6.90
CA GLY C 248 -11.49 -4.70 6.91
C GLY C 248 -10.67 -3.75 6.03
N GLU C 249 -11.07 -2.48 5.90
CA GLU C 249 -10.44 -1.56 4.96
C GLU C 249 -10.10 -0.24 5.66
N VAL C 250 -9.17 0.52 5.12
CA VAL C 250 -8.78 1.82 5.62
C VAL C 250 -9.05 2.85 4.49
N ILE C 251 -9.67 3.99 4.83
CA ILE C 251 -10.08 4.99 3.85
C ILE C 251 -9.49 6.37 4.20
N ARG C 252 -8.72 6.94 3.26
CA ARG C 252 -8.15 8.25 3.43
C ARG C 252 -9.20 9.35 3.16
N LEU C 253 -9.28 10.37 4.00
CA LEU C 253 -10.20 11.50 3.85
C LEU C 253 -9.32 12.76 4.02
N ASP C 254 -8.76 13.21 2.88
CA ASP C 254 -7.75 14.25 2.95
C ASP C 254 -7.59 15.23 1.80
N GLY C 255 -8.56 15.36 0.89
CA GLY C 255 -8.41 16.38 -0.17
C GLY C 255 -7.28 16.11 -1.15
N ALA C 256 -6.81 14.87 -1.26
CA ALA C 256 -5.68 14.40 -2.02
C ALA C 256 -4.30 14.88 -1.56
N ILE C 257 -4.13 15.28 -0.29
CA ILE C 257 -2.79 15.69 0.16
C ILE C 257 -1.85 14.51 0.30
N ARG C 258 -0.54 14.73 0.13
CA ARG C 258 0.50 13.74 0.46
C ARG C 258 1.51 14.51 1.32
N MET C 259 1.79 14.11 2.55
CA MET C 259 2.63 14.87 3.46
C MET C 259 4.14 14.88 3.21
N GLN C 260 4.70 16.08 3.27
CA GLN C 260 6.16 16.29 3.16
C GLN C 260 6.76 16.26 4.56
N PRO C 261 8.16 16.08 4.51
CA PRO C 261 8.86 16.05 5.81
C PRO C 261 8.55 17.22 6.71
N SER D 7 30.92 -4.54 0.53
CA SER D 7 31.73 -5.05 1.68
C SER D 7 31.28 -4.56 3.04
N VAL D 8 31.18 -5.48 4.00
CA VAL D 8 30.89 -5.15 5.39
C VAL D 8 32.13 -5.30 6.28
N LYS D 9 33.27 -5.51 5.62
CA LYS D 9 34.53 -5.76 6.32
C LYS D 9 34.88 -4.63 7.28
N GLY D 10 35.10 -4.96 8.56
CA GLY D 10 35.43 -3.94 9.56
C GLY D 10 34.29 -3.18 10.20
N LEU D 11 33.05 -3.27 9.69
CA LEU D 11 31.92 -2.57 10.31
C LEU D 11 31.55 -3.20 11.65
N VAL D 12 31.04 -2.41 12.59
CA VAL D 12 30.62 -2.95 13.88
C VAL D 12 29.07 -2.97 13.97
N ALA D 13 28.48 -4.13 14.19
CA ALA D 13 27.03 -4.25 14.27
C ALA D 13 26.47 -4.71 15.62
N VAL D 14 25.38 -4.15 16.11
CA VAL D 14 24.68 -4.65 17.30
C VAL D 14 23.38 -5.31 16.86
N ILE D 15 23.18 -6.59 17.16
CA ILE D 15 22.01 -7.34 16.70
C ILE D 15 21.11 -7.80 17.82
N THR D 16 19.95 -7.14 18.02
CA THR D 16 19.04 -7.62 19.08
C THR D 16 18.39 -8.96 18.69
N GLY D 17 18.09 -9.80 19.68
CA GLY D 17 17.58 -11.15 19.39
C GLY D 17 18.66 -12.00 18.73
N GLY D 18 19.93 -11.66 18.96
CA GLY D 18 21.05 -12.36 18.32
C GLY D 18 21.40 -13.75 18.84
N ALA D 19 20.71 -14.30 19.86
CA ALA D 19 21.05 -15.64 20.34
C ALA D 19 20.33 -16.73 19.56
N SER D 20 19.33 -16.37 18.73
CA SER D 20 18.59 -17.40 17.99
C SER D 20 18.01 -16.96 16.65
N GLY D 21 17.52 -17.92 15.89
CA GLY D 21 16.87 -17.70 14.60
C GLY D 21 17.42 -16.61 13.69
N LEU D 22 16.60 -15.64 13.27
CA LEU D 22 17.03 -14.63 12.28
C LEU D 22 18.23 -13.79 12.72
N GLY D 23 18.24 -13.34 13.97
CA GLY D 23 19.38 -12.53 14.45
C GLY D 23 20.66 -13.35 14.48
N LEU D 24 20.63 -14.60 14.95
CA LEU D 24 21.85 -15.43 14.98
C LEU D 24 22.42 -15.68 13.60
N SER D 25 21.56 -15.99 12.63
CA SER D 25 22.01 -16.26 11.27
C SER D 25 22.58 -14.99 10.64
N THR D 26 22.06 -13.83 11.01
CA THR D 26 22.61 -12.53 10.54
C THR D 26 24.02 -12.31 11.09
N ALA D 27 24.24 -12.63 12.36
CA ALA D 27 25.56 -12.54 12.98
C ALA D 27 26.54 -13.50 12.33
N LYS D 28 26.16 -14.75 12.09
CA LYS D 28 27.06 -15.70 11.40
C LYS D 28 27.50 -15.16 10.03
N ARG D 29 26.58 -14.70 9.17
CA ARG D 29 26.98 -14.12 7.87
C ARG D 29 27.90 -12.91 7.94
N LEU D 30 27.56 -11.89 8.74
CA LEU D 30 28.40 -10.70 8.86
C LEU D 30 29.77 -11.04 9.47
N VAL D 31 29.86 -11.86 10.53
CA VAL D 31 31.20 -12.22 11.05
C VAL D 31 32.02 -12.99 10.03
N GLY D 32 31.40 -13.86 9.24
CA GLY D 32 32.05 -14.60 8.17
C GLY D 32 32.53 -13.70 7.02
N GLN D 33 32.02 -12.48 6.87
CA GLN D 33 32.46 -11.51 5.88
C GLN D 33 33.40 -10.46 6.46
N GLY D 34 33.93 -10.66 7.67
CA GLY D 34 34.85 -9.75 8.30
C GLY D 34 34.31 -8.65 9.20
N ALA D 35 33.03 -8.70 9.58
CA ALA D 35 32.51 -7.64 10.46
C ALA D 35 32.59 -8.05 11.92
N THR D 36 32.37 -7.13 12.86
CA THR D 36 32.34 -7.46 14.27
C THR D 36 30.87 -7.40 14.75
N ALA D 37 30.48 -8.34 15.58
CA ALA D 37 29.07 -8.40 16.01
C ALA D 37 28.92 -8.47 17.53
N VAL D 38 27.94 -7.76 18.04
CA VAL D 38 27.53 -7.81 19.44
C VAL D 38 26.12 -8.42 19.53
N LEU D 39 25.96 -9.56 20.17
CA LEU D 39 24.62 -10.15 20.32
C LEU D 39 23.93 -9.62 21.57
N LEU D 40 22.79 -8.94 21.38
CA LEU D 40 22.02 -8.40 22.51
C LEU D 40 20.79 -9.29 22.69
N ASP D 41 20.72 -9.99 23.82
CA ASP D 41 19.62 -10.92 24.09
C ASP D 41 19.48 -11.12 25.61
N VAL D 42 18.39 -11.75 26.04
CA VAL D 42 18.19 -11.93 27.50
C VAL D 42 19.19 -12.91 28.11
N PRO D 43 19.42 -12.77 29.42
CA PRO D 43 20.41 -13.57 30.14
C PRO D 43 20.16 -15.05 30.12
N ASN D 44 18.90 -15.51 30.11
CA ASN D 44 18.75 -16.97 30.12
C ASN D 44 18.87 -17.62 28.75
N SER D 45 19.16 -16.89 27.69
CA SER D 45 19.32 -17.41 26.34
C SER D 45 20.63 -18.15 26.16
N GLU D 46 20.96 -18.59 24.96
CA GLU D 46 22.19 -19.23 24.54
C GLU D 46 23.18 -18.22 23.98
N GLY D 47 23.02 -16.94 24.30
CA GLY D 47 23.88 -15.90 23.78
C GLY D 47 25.37 -16.15 23.94
N GLU D 48 25.75 -16.44 25.20
CA GLU D 48 27.16 -16.60 25.54
C GLU D 48 27.80 -17.72 24.76
N THR D 49 27.16 -18.90 24.63
CA THR D 49 27.84 -19.95 23.89
C THR D 49 27.80 -19.76 22.38
N GLU D 50 26.85 -18.99 21.81
CA GLU D 50 26.87 -18.73 20.39
C GLU D 50 27.99 -17.73 20.07
N ALA D 51 28.19 -16.74 20.91
CA ALA D 51 29.26 -15.77 20.73
C ALA D 51 30.66 -16.39 20.87
N LYS D 52 30.78 -17.42 21.70
CA LYS D 52 32.05 -18.14 21.84
C LYS D 52 32.32 -18.99 20.61
N LYS D 53 31.30 -19.67 20.07
CA LYS D 53 31.44 -20.46 18.87
C LYS D 53 31.81 -19.60 17.65
N LEU D 54 31.32 -18.35 17.66
CA LEU D 54 31.61 -17.45 16.56
C LEU D 54 32.98 -16.80 16.64
N GLY D 55 33.74 -16.89 17.75
CA GLY D 55 35.09 -16.36 17.79
C GLY D 55 35.29 -15.08 18.52
N GLY D 56 36.50 -14.51 18.44
CA GLY D 56 36.87 -13.27 19.09
C GLY D 56 36.26 -12.02 18.47
N ASN D 57 35.69 -12.08 17.27
CA ASN D 57 35.00 -10.89 16.74
C ASN D 57 33.48 -10.95 16.98
N CYS D 58 33.02 -11.79 17.92
CA CYS D 58 31.61 -11.78 18.32
C CYS D 58 31.48 -11.89 19.84
N ILE D 59 30.86 -10.93 20.52
CA ILE D 59 30.65 -10.97 21.97
C ILE D 59 29.15 -10.93 22.33
N PHE D 60 28.82 -11.39 23.54
CA PHE D 60 27.46 -11.38 24.06
C PHE D 60 27.26 -10.27 25.10
N ALA D 61 26.17 -9.52 24.99
CA ALA D 61 25.81 -8.49 25.94
C ALA D 61 24.35 -8.69 26.39
N PRO D 62 24.14 -9.20 27.59
CA PRO D 62 22.83 -9.43 28.14
C PRO D 62 22.05 -8.14 28.42
N ALA D 63 20.81 -8.09 27.87
CA ALA D 63 19.93 -6.95 28.03
C ALA D 63 18.51 -7.25 27.53
N ASN D 64 17.54 -6.70 28.25
CA ASN D 64 16.14 -6.78 27.82
C ASN D 64 15.86 -5.51 27.02
N VAL D 65 15.34 -5.57 25.79
CA VAL D 65 15.11 -4.36 25.00
C VAL D 65 14.08 -3.40 25.58
N THR D 66 13.21 -3.81 26.52
CA THR D 66 12.29 -2.84 27.13
C THR D 66 12.97 -1.99 28.22
N SER D 67 14.18 -2.33 28.63
CA SER D 67 14.88 -1.58 29.68
C SER D 67 15.84 -0.52 29.17
N GLU D 68 15.62 0.75 29.41
CA GLU D 68 16.54 1.81 29.06
C GLU D 68 17.96 1.61 29.62
N LYS D 69 18.08 1.18 30.88
CA LYS D 69 19.38 1.02 31.51
C LYS D 69 20.19 -0.13 30.96
N GLU D 70 19.54 -1.28 30.70
CA GLU D 70 20.26 -2.43 30.18
C GLU D 70 20.69 -2.18 28.74
N VAL D 71 19.87 -1.50 27.95
CA VAL D 71 20.21 -1.24 26.53
C VAL D 71 21.38 -0.26 26.49
N GLN D 72 21.32 0.79 27.29
CA GLN D 72 22.40 1.76 27.37
C GLN D 72 23.73 1.10 27.76
N ALA D 73 23.75 0.23 28.78
CA ALA D 73 24.96 -0.48 29.15
C ALA D 73 25.50 -1.40 28.04
N ALA D 74 24.64 -2.07 27.27
CA ALA D 74 25.09 -2.93 26.18
C ALA D 74 25.72 -2.11 25.06
N LEU D 75 25.17 -0.95 24.71
CA LEU D 75 25.73 -0.04 23.72
C LEU D 75 27.08 0.55 24.20
N THR D 76 27.19 0.92 25.47
CA THR D 76 28.46 1.40 26.02
C THR D 76 29.52 0.31 25.91
N LEU D 77 29.20 -0.94 26.22
CA LEU D 77 30.13 -2.05 26.11
C LEU D 77 30.67 -2.24 24.70
N ALA D 78 29.77 -2.17 23.71
CA ALA D 78 30.15 -2.32 22.31
C ALA D 78 31.12 -1.24 21.89
N LYS D 79 30.84 0.00 22.29
CA LYS D 79 31.64 1.13 21.85
C LYS D 79 33.03 1.15 22.51
N GLU D 80 33.15 0.55 23.68
CA GLU D 80 34.42 0.44 24.38
C GLU D 80 35.24 -0.73 23.83
N LYS D 81 34.61 -1.87 23.63
CA LYS D 81 35.29 -3.02 23.04
C LYS D 81 35.77 -2.74 21.62
N PHE D 82 34.89 -2.17 20.78
CA PHE D 82 35.17 -2.04 19.36
C PHE D 82 35.39 -0.62 18.86
N GLY D 83 35.25 0.41 19.66
CA GLY D 83 35.48 1.79 19.28
C GLY D 83 34.38 2.62 18.68
N ARG D 84 33.33 2.04 18.11
CA ARG D 84 32.23 2.76 17.47
C ARG D 84 31.11 1.76 17.17
N ILE D 85 29.97 2.24 16.68
CA ILE D 85 28.86 1.38 16.26
C ILE D 85 28.46 1.84 14.86
N ASP D 86 28.46 0.96 13.87
CA ASP D 86 28.09 1.35 12.50
C ASP D 86 26.69 0.91 12.06
N VAL D 87 26.24 -0.25 12.52
CA VAL D 87 24.98 -0.89 12.07
C VAL D 87 24.18 -1.40 13.28
N ALA D 88 22.86 -1.24 13.26
CA ALA D 88 22.02 -1.84 14.29
C ALA D 88 20.90 -2.64 13.61
N VAL D 89 20.66 -3.87 14.05
CA VAL D 89 19.58 -4.70 13.47
C VAL D 89 18.60 -5.13 14.57
N ASN D 90 17.31 -4.82 14.49
CA ASN D 90 16.34 -5.22 15.52
C ASN D 90 15.60 -6.53 15.18
N CYS D 91 15.94 -7.64 15.82
CA CYS D 91 15.29 -8.93 15.57
C CYS D 91 14.59 -9.44 16.85
N ALA D 92 14.86 -8.85 18.02
CA ALA D 92 14.18 -9.29 19.24
C ALA D 92 12.65 -9.18 19.12
N GLY D 93 11.93 -10.21 19.52
CA GLY D 93 10.47 -10.21 19.44
C GLY D 93 9.77 -11.46 19.94
N ILE D 94 8.48 -11.34 20.24
CA ILE D 94 7.65 -12.43 20.75
C ILE D 94 6.30 -12.49 20.00
N ALA D 95 5.57 -13.60 20.13
CA ALA D 95 4.26 -13.71 19.46
C ALA D 95 3.23 -14.43 20.31
N VAL D 96 1.92 -14.17 20.10
CA VAL D 96 0.86 -14.88 20.77
C VAL D 96 -0.24 -15.21 19.72
N ALA D 97 -1.15 -16.12 20.01
CA ALA D 97 -2.25 -16.42 19.08
C ALA D 97 -3.56 -16.48 19.90
N ILE D 98 -4.23 -15.34 20.00
CA ILE D 98 -5.39 -15.14 20.85
C ILE D 98 -6.42 -14.28 20.12
N LYS D 99 -7.64 -14.76 19.93
CA LYS D 99 -8.66 -13.94 19.26
C LYS D 99 -9.11 -12.74 20.09
N THR D 100 -9.61 -11.68 19.43
CA THR D 100 -10.16 -10.51 20.09
C THR D 100 -11.30 -10.92 21.01
N TYR D 101 -12.18 -11.77 20.48
CA TYR D 101 -13.29 -12.35 21.24
C TYR D 101 -13.56 -13.75 20.69
N HIS D 102 -13.59 -14.77 21.52
CA HIS D 102 -13.81 -16.17 21.14
C HIS D 102 -15.22 -16.60 21.49
N GLU D 103 -16.12 -16.77 20.50
CA GLU D 103 -17.51 -17.07 20.83
C GLU D 103 -17.72 -18.37 21.59
N LYS D 104 -17.12 -19.46 21.12
CA LYS D 104 -17.36 -20.78 21.72
C LYS D 104 -16.89 -20.88 23.16
N LYS D 105 -15.73 -20.32 23.50
CA LYS D 105 -15.28 -20.32 24.90
C LYS D 105 -15.80 -19.10 25.66
N ASN D 106 -16.44 -18.16 24.98
CA ASN D 106 -16.92 -16.90 25.53
C ASN D 106 -15.83 -16.22 26.34
N GLN D 107 -14.65 -16.07 25.72
CA GLN D 107 -13.47 -15.47 26.30
C GLN D 107 -13.01 -14.20 25.56
N VAL D 108 -12.70 -13.14 26.28
CA VAL D 108 -12.25 -11.86 25.74
C VAL D 108 -10.73 -11.74 25.90
N HIS D 109 -10.01 -11.33 24.86
CA HIS D 109 -8.58 -11.10 24.89
C HIS D 109 -8.19 -10.22 26.09
N THR D 110 -7.19 -10.58 26.91
CA THR D 110 -6.92 -9.68 28.04
C THR D 110 -6.19 -8.42 27.59
N LEU D 111 -6.27 -7.36 28.41
CA LEU D 111 -5.54 -6.13 28.07
C LEU D 111 -4.03 -6.31 28.29
N GLU D 112 -3.70 -7.13 29.29
CA GLU D 112 -2.31 -7.41 29.65
C GLU D 112 -1.56 -8.17 28.56
N ASP D 113 -2.15 -9.13 27.88
CA ASP D 113 -1.50 -9.88 26.80
C ASP D 113 -1.27 -8.98 25.59
N PHE D 114 -2.20 -8.06 25.29
CA PHE D 114 -1.97 -7.07 24.21
C PHE D 114 -0.81 -6.15 24.56
N GLN D 115 -0.84 -5.52 25.74
CA GLN D 115 0.24 -4.64 26.19
C GLN D 115 1.62 -5.28 26.18
N ARG D 116 1.75 -6.54 26.63
CA ARG D 116 3.04 -7.22 26.61
C ARG D 116 3.70 -7.35 25.24
N VAL D 117 2.92 -7.76 24.25
CA VAL D 117 3.41 -7.88 22.85
C VAL D 117 3.78 -6.51 22.30
N ILE D 118 2.98 -5.47 22.53
CA ILE D 118 3.33 -4.10 22.11
C ILE D 118 4.65 -3.67 22.76
N ASN D 119 4.81 -3.93 24.07
CA ASN D 119 5.99 -3.49 24.81
C ASN D 119 7.29 -4.09 24.29
N VAL D 120 7.41 -5.41 24.13
CA VAL D 120 8.63 -6.00 23.58
C VAL D 120 8.89 -5.67 22.11
N ASN D 121 7.92 -5.87 21.22
CA ASN D 121 8.05 -5.71 19.79
C ASN D 121 8.16 -4.28 19.27
N LEU D 122 7.25 -3.41 19.66
CA LEU D 122 7.25 -1.99 19.21
C LEU D 122 7.98 -1.04 20.14
N ILE D 123 7.66 -0.95 21.41
CA ILE D 123 8.39 -0.02 22.32
C ILE D 123 9.85 -0.42 22.45
N GLY D 124 10.17 -1.73 22.52
CA GLY D 124 11.56 -2.18 22.57
C GLY D 124 12.39 -1.86 21.33
N THR D 125 11.76 -1.91 20.13
CA THR D 125 12.50 -1.53 18.90
C THR D 125 12.75 -0.02 18.87
N PHE D 126 11.81 0.82 19.30
CA PHE D 126 12.05 2.26 19.36
C PHE D 126 13.13 2.59 20.43
N ASN D 127 13.14 1.89 21.55
CA ASN D 127 14.13 2.11 22.62
C ASN D 127 15.54 1.87 22.08
N VAL D 128 15.76 0.81 21.32
CA VAL D 128 17.07 0.56 20.72
C VAL D 128 17.41 1.65 19.69
N ILE D 129 16.50 2.04 18.82
CA ILE D 129 16.71 3.08 17.81
C ILE D 129 17.08 4.42 18.44
N ARG D 130 16.35 4.91 19.43
CA ARG D 130 16.60 6.22 20.02
C ARG D 130 17.97 6.29 20.69
N LEU D 131 18.38 5.24 21.42
CA LEU D 131 19.70 5.24 22.04
C LEU D 131 20.84 4.99 21.06
N VAL D 132 20.69 4.17 20.03
CA VAL D 132 21.79 3.89 19.10
C VAL D 132 22.02 5.06 18.16
N ALA D 133 21.02 5.90 17.92
CA ALA D 133 21.18 7.03 16.97
C ALA D 133 22.20 8.05 17.46
N GLY D 134 22.18 8.34 18.76
CA GLY D 134 23.13 9.28 19.36
C GLY D 134 24.55 8.71 19.31
N VAL D 135 24.74 7.41 19.41
CA VAL D 135 26.07 6.81 19.29
C VAL D 135 26.60 6.84 17.87
N MET D 136 25.76 6.51 16.88
CA MET D 136 26.16 6.60 15.47
C MET D 136 26.47 8.05 15.09
N GLY D 137 25.75 9.00 15.67
CA GLY D 137 25.94 10.42 15.43
C GLY D 137 27.37 10.88 15.78
N GLN D 138 28.08 10.19 16.65
CA GLN D 138 29.45 10.48 16.99
C GLN D 138 30.44 10.11 15.89
N ASN D 139 30.09 9.24 14.95
CA ASN D 139 31.01 8.84 13.90
C ASN D 139 31.27 10.01 12.92
N GLU D 140 32.45 9.96 12.32
CA GLU D 140 32.80 10.87 11.23
C GLU D 140 32.07 10.36 10.00
N PRO D 141 31.50 11.28 9.23
CA PRO D 141 30.77 10.92 8.02
C PRO D 141 31.70 10.33 6.97
N ASP D 142 31.28 9.28 6.27
CA ASP D 142 32.12 8.69 5.23
C ASP D 142 32.17 9.64 4.04
N GLN D 143 32.63 9.19 2.88
CA GLN D 143 32.71 10.05 1.71
C GLN D 143 31.35 10.49 1.18
N GLY D 144 30.29 9.70 1.40
CA GLY D 144 28.96 10.10 0.96
C GLY D 144 28.10 10.71 2.06
N GLY D 145 28.69 11.13 3.20
CA GLY D 145 27.92 11.73 4.26
C GLY D 145 27.26 10.78 5.24
N GLN D 146 27.43 9.47 5.10
CA GLN D 146 26.77 8.49 5.95
C GLN D 146 27.49 8.22 7.27
N ARG D 147 26.72 8.09 8.35
CA ARG D 147 27.21 7.76 9.67
C ARG D 147 26.70 6.44 10.24
N GLY D 148 25.65 5.85 9.64
CA GLY D 148 25.14 4.59 10.16
C GLY D 148 23.95 4.06 9.37
N VAL D 149 23.53 2.84 9.67
CA VAL D 149 22.36 2.21 9.08
C VAL D 149 21.58 1.44 10.17
N ILE D 150 20.27 1.65 10.21
CA ILE D 150 19.39 0.93 11.15
C ILE D 150 18.37 0.05 10.40
N ILE D 151 18.32 -1.25 10.71
CA ILE D 151 17.43 -2.19 10.02
C ILE D 151 16.44 -2.82 11.01
N ASN D 152 15.13 -2.76 10.74
CA ASN D 152 14.12 -3.28 11.64
C ASN D 152 13.43 -4.53 11.10
N THR D 153 12.82 -5.35 11.98
CA THR D 153 12.10 -6.53 11.46
C THR D 153 10.59 -6.40 11.72
N ALA D 154 9.76 -6.23 10.68
CA ALA D 154 8.29 -6.21 10.90
C ALA D 154 7.75 -7.60 10.61
N SER D 155 6.81 -7.75 9.68
CA SER D 155 6.22 -9.02 9.30
C SER D 155 5.16 -8.85 8.23
N VAL D 156 4.81 -9.88 7.45
CA VAL D 156 3.69 -9.75 6.50
C VAL D 156 2.37 -9.60 7.25
N ALA D 157 2.28 -9.90 8.53
CA ALA D 157 1.12 -9.70 9.38
C ALA D 157 0.76 -8.24 9.63
N ALA D 158 1.62 -7.30 9.21
CA ALA D 158 1.31 -5.89 9.25
C ALA D 158 0.33 -5.54 8.10
N PHE D 159 0.27 -6.41 7.09
CA PHE D 159 -0.56 -6.24 5.92
C PHE D 159 -1.67 -7.28 5.78
N GLU D 160 -1.46 -8.55 6.13
CA GLU D 160 -2.54 -9.54 6.06
C GLU D 160 -2.63 -10.33 7.39
N GLY D 161 -2.79 -9.66 8.52
CA GLY D 161 -2.90 -10.34 9.80
C GLY D 161 -4.00 -11.41 9.81
N GLN D 162 -3.72 -12.58 10.35
CA GLN D 162 -4.68 -13.68 10.40
C GLN D 162 -5.55 -13.72 11.68
N VAL D 163 -6.54 -14.61 11.73
CA VAL D 163 -7.36 -14.82 12.93
C VAL D 163 -6.44 -15.10 14.11
N GLY D 164 -6.52 -14.39 15.24
CA GLY D 164 -5.66 -14.63 16.38
C GLY D 164 -4.40 -13.79 16.45
N GLN D 165 -4.14 -12.98 15.41
CA GLN D 165 -2.95 -12.14 15.38
C GLN D 165 -3.14 -10.66 15.68
N ALA D 166 -4.22 -10.21 16.29
CA ALA D 166 -4.42 -8.79 16.50
C ALA D 166 -3.26 -8.11 17.25
N ALA D 167 -2.78 -8.67 18.38
CA ALA D 167 -1.66 -8.00 19.07
C ALA D 167 -0.38 -7.90 18.24
N TYR D 168 0.05 -9.05 17.69
CA TYR D 168 1.24 -9.15 16.86
C TYR D 168 1.18 -8.21 15.66
N SER D 169 0.06 -8.21 14.93
CA SER D 169 -0.17 -7.33 13.81
C SER D 169 -0.10 -5.85 14.18
N ALA D 170 -0.72 -5.44 15.30
CA ALA D 170 -0.66 -4.08 15.78
C ALA D 170 0.81 -3.71 16.05
N SER D 171 1.56 -4.58 16.74
CA SER D 171 2.97 -4.25 17.01
C SER D 171 3.80 -4.09 15.72
N LYS D 172 3.62 -4.93 14.72
CA LYS D 172 4.39 -4.87 13.48
C LYS D 172 3.93 -3.77 12.53
N GLY D 173 2.63 -3.44 12.58
CA GLY D 173 2.10 -2.31 11.78
C GLY D 173 2.67 -1.03 12.37
N GLY D 174 2.93 -0.96 13.67
CA GLY D 174 3.54 0.20 14.33
C GLY D 174 5.00 0.42 13.84
N ILE D 175 5.73 -0.66 13.63
CA ILE D 175 7.11 -0.56 13.10
C ILE D 175 7.09 -0.04 11.66
N VAL D 176 6.18 -0.57 10.82
CA VAL D 176 5.99 -0.09 9.46
C VAL D 176 5.68 1.42 9.47
N GLY D 177 4.68 1.83 10.23
CA GLY D 177 4.27 3.24 10.32
C GLY D 177 5.35 4.22 10.76
N MET D 178 6.27 3.84 11.65
CA MET D 178 7.30 4.78 12.06
C MET D 178 8.56 4.74 11.20
N THR D 179 8.68 3.85 10.22
CA THR D 179 9.88 3.75 9.38
C THR D 179 10.19 5.06 8.65
N LEU D 180 9.22 5.66 7.94
CA LEU D 180 9.47 6.92 7.22
C LEU D 180 9.77 8.11 8.14
N PRO D 181 9.01 8.45 9.16
CA PRO D 181 9.30 9.61 10.02
C PRO D 181 10.66 9.48 10.70
N ILE D 182 11.09 8.29 11.08
CA ILE D 182 12.41 8.11 11.71
C ILE D 182 13.50 8.31 10.66
N ALA D 183 13.36 7.86 9.42
CA ALA D 183 14.34 8.15 8.36
C ALA D 183 14.37 9.67 8.07
N ARG D 184 13.25 10.36 8.02
CA ARG D 184 13.20 11.81 7.82
C ARG D 184 13.84 12.52 9.02
N ASP D 185 13.67 12.06 10.26
CA ASP D 185 14.28 12.68 11.43
C ASP D 185 15.82 12.58 11.41
N LEU D 186 16.32 11.42 10.99
CA LEU D 186 17.76 11.18 10.98
C LEU D 186 18.50 11.50 9.70
N ALA D 187 17.83 12.05 8.71
CA ALA D 187 18.45 12.45 7.46
C ALA D 187 19.58 13.46 7.62
N PRO D 188 19.40 14.50 8.42
CA PRO D 188 20.43 15.50 8.63
C PRO D 188 21.73 14.96 9.20
N ILE D 189 21.77 13.83 9.91
CA ILE D 189 23.04 13.27 10.35
C ILE D 189 23.43 12.03 9.57
N GLY D 190 22.85 11.70 8.42
CA GLY D 190 23.30 10.57 7.62
C GLY D 190 23.10 9.16 8.16
N ILE D 191 21.94 8.89 8.75
CA ILE D 191 21.58 7.56 9.21
C ILE D 191 20.36 7.06 8.40
N ARG D 192 20.51 6.00 7.62
CA ARG D 192 19.44 5.38 6.87
C ARG D 192 18.63 4.43 7.79
N VAL D 193 17.32 4.31 7.54
CA VAL D 193 16.39 3.50 8.33
C VAL D 193 15.54 2.65 7.39
N VAL D 194 15.68 1.32 7.40
CA VAL D 194 14.95 0.42 6.48
C VAL D 194 14.31 -0.72 7.26
N THR D 195 13.14 -1.20 6.83
CA THR D 195 12.47 -2.32 7.54
C THR D 195 12.27 -3.54 6.67
N ILE D 196 12.51 -4.74 7.18
CA ILE D 196 12.23 -5.97 6.42
C ILE D 196 10.98 -6.66 6.96
N ALA D 197 10.10 -7.15 6.08
CA ALA D 197 8.91 -7.88 6.49
C ALA D 197 8.88 -9.34 6.01
N PRO D 198 9.36 -10.25 6.86
CA PRO D 198 9.38 -11.66 6.54
C PRO D 198 8.02 -12.33 6.48
N GLY D 199 7.90 -13.34 5.62
CA GLY D 199 6.75 -14.20 5.47
C GLY D 199 6.98 -15.38 6.44
N LEU D 200 6.90 -16.66 6.07
CA LEU D 200 7.10 -17.72 7.07
C LEU D 200 8.48 -18.37 7.03
N PHE D 201 9.24 -18.35 8.13
CA PHE D 201 10.61 -18.83 8.16
C PHE D 201 10.81 -20.01 9.11
N ALA D 202 11.82 -20.83 8.86
CA ALA D 202 12.13 -22.00 9.69
C ALA D 202 12.97 -21.64 10.91
N THR D 203 12.35 -21.15 11.99
CA THR D 203 13.05 -20.73 13.20
C THR D 203 12.31 -21.29 14.42
N PRO D 204 12.91 -21.19 15.59
CA PRO D 204 12.29 -21.67 16.83
C PRO D 204 11.04 -20.89 17.18
N SER D 219 0.78 -26.40 1.86
CA SER D 219 1.84 -25.62 1.24
C SER D 219 1.29 -24.31 0.67
N GLN D 220 1.34 -23.25 1.49
CA GLN D 220 0.87 -21.95 1.07
C GLN D 220 1.82 -21.13 0.22
N VAL D 221 3.13 -21.36 0.23
CA VAL D 221 4.04 -20.46 -0.51
C VAL D 221 4.15 -20.81 -1.98
N PRO D 222 3.81 -19.89 -2.89
CA PRO D 222 3.97 -20.11 -4.33
C PRO D 222 5.32 -20.63 -4.75
N PHE D 223 6.45 -19.94 -4.53
CA PHE D 223 7.77 -20.42 -4.92
C PHE D 223 8.90 -19.58 -4.35
N PRO D 224 9.91 -20.20 -3.78
CA PRO D 224 9.97 -21.65 -3.60
C PRO D 224 8.92 -22.11 -2.60
N SER D 225 8.42 -23.35 -2.76
CA SER D 225 7.31 -23.81 -1.92
C SER D 225 7.79 -24.46 -0.64
N ARG D 226 8.23 -23.62 0.30
CA ARG D 226 8.82 -24.06 1.55
C ARG D 226 8.98 -22.89 2.52
N LEU D 227 9.32 -23.19 3.77
CA LEU D 227 9.59 -22.13 4.72
C LEU D 227 10.87 -21.41 4.26
N GLY D 228 10.97 -20.12 4.58
CA GLY D 228 12.22 -19.40 4.26
C GLY D 228 13.38 -19.97 5.10
N ASP D 229 14.60 -19.85 4.62
CA ASP D 229 15.80 -20.21 5.40
C ASP D 229 16.35 -18.95 6.01
N PRO D 230 16.67 -18.95 7.31
CA PRO D 230 17.25 -17.80 7.99
C PRO D 230 18.44 -17.20 7.25
N ALA D 231 19.25 -18.01 6.54
CA ALA D 231 20.38 -17.42 5.79
C ALA D 231 19.90 -16.50 4.66
N GLU D 232 18.67 -16.67 4.17
CA GLU D 232 18.13 -15.76 3.14
C GLU D 232 17.78 -14.40 3.72
N TYR D 233 17.27 -14.33 4.95
CA TYR D 233 17.10 -13.07 5.68
C TYR D 233 18.44 -12.39 5.91
N ALA D 234 19.50 -13.14 6.31
CA ALA D 234 20.81 -12.55 6.51
C ALA D 234 21.39 -11.92 5.23
N HIS D 235 21.24 -12.57 4.08
CA HIS D 235 21.72 -12.04 2.80
C HIS D 235 21.02 -10.72 2.51
N LEU D 236 19.69 -10.61 2.72
CA LEU D 236 19.00 -9.34 2.50
C LEU D 236 19.50 -8.25 3.44
N VAL D 237 19.80 -8.51 4.70
CA VAL D 237 20.36 -7.48 5.61
C VAL D 237 21.70 -6.98 5.07
N GLN D 238 22.59 -7.87 4.61
CA GLN D 238 23.86 -7.41 4.01
C GLN D 238 23.62 -6.51 2.79
N MET D 239 22.67 -6.84 1.92
CA MET D 239 22.37 -5.99 0.75
C MET D 239 21.96 -4.59 1.21
N VAL D 240 21.07 -4.53 2.23
CA VAL D 240 20.60 -3.24 2.76
C VAL D 240 21.76 -2.42 3.31
N ILE D 241 22.68 -3.05 4.04
CA ILE D 241 23.86 -2.36 4.56
C ILE D 241 24.70 -1.82 3.40
N GLU D 242 24.94 -2.63 2.35
CA GLU D 242 25.77 -2.14 1.23
C GLU D 242 25.16 -1.07 0.33
N ASN D 243 23.84 -1.01 0.11
CA ASN D 243 23.30 -0.06 -0.90
C ASN D 243 23.01 1.29 -0.30
N PRO D 244 23.72 2.33 -0.73
CA PRO D 244 23.55 3.66 -0.21
C PRO D 244 22.28 4.44 -0.53
N PHE D 245 21.45 3.97 -1.46
CA PHE D 245 20.28 4.79 -1.82
C PHE D 245 19.01 4.16 -1.29
N LEU D 246 19.08 3.07 -0.54
CA LEU D 246 17.87 2.42 0.02
C LEU D 246 17.50 3.06 1.34
N ASN D 247 16.32 3.68 1.51
CA ASN D 247 16.03 4.38 2.76
C ASN D 247 14.53 4.65 2.88
N GLY D 248 14.00 4.56 4.10
CA GLY D 248 12.60 4.84 4.43
C GLY D 248 11.63 3.86 3.76
N GLU D 249 12.02 2.63 3.49
CA GLU D 249 11.20 1.65 2.76
C GLU D 249 11.05 0.34 3.51
N VAL D 250 10.02 -0.42 3.19
CA VAL D 250 9.71 -1.72 3.80
C VAL D 250 9.78 -2.75 2.66
N ILE D 251 10.47 -3.88 2.86
CA ILE D 251 10.63 -4.89 1.81
C ILE D 251 10.11 -6.26 2.28
N ARG D 252 9.18 -6.85 1.56
CA ARG D 252 8.63 -8.17 1.84
C ARG D 252 9.60 -9.27 1.39
N LEU D 253 9.88 -10.24 2.25
CA LEU D 253 10.75 -11.39 1.93
C LEU D 253 9.92 -12.64 2.27
N ASP D 254 9.18 -13.16 1.26
CA ASP D 254 8.19 -14.18 1.56
C ASP D 254 7.81 -15.18 0.49
N GLY D 255 8.58 -15.33 -0.61
CA GLY D 255 8.24 -16.32 -1.64
C GLY D 255 6.92 -16.09 -2.37
N ALA D 256 6.38 -14.89 -2.32
CA ALA D 256 5.14 -14.43 -2.91
C ALA D 256 3.85 -14.86 -2.21
N ILE D 257 3.95 -15.29 -0.95
CA ILE D 257 2.74 -15.66 -0.22
C ILE D 257 1.88 -14.46 0.14
N ARG D 258 0.57 -14.63 0.23
CA ARG D 258 -0.40 -13.66 0.74
C ARG D 258 -1.22 -14.46 1.78
N MET D 259 -1.23 -14.04 3.03
CA MET D 259 -1.89 -14.82 4.08
C MET D 259 -3.41 -14.81 4.11
N GLN D 260 -3.98 -16.00 4.30
CA GLN D 260 -5.39 -16.25 4.48
C GLN D 260 -5.69 -16.19 5.99
N PRO D 261 -7.06 -16.00 6.21
CA PRO D 261 -7.50 -15.92 7.61
C PRO D 261 -7.03 -17.10 8.46
PA NAD E . -21.11 -6.32 -16.87
O1A NAD E . -20.67 -7.22 -17.95
O2A NAD E . -22.40 -6.75 -16.28
O5B NAD E . -21.22 -4.82 -17.35
C5B NAD E . -20.16 -4.08 -18.04
C4B NAD E . -20.81 -3.25 -19.14
O4B NAD E . -19.73 -2.57 -19.88
C3B NAD E . -21.59 -4.09 -20.17
O3B NAD E . -22.92 -3.56 -20.31
C2B NAD E . -20.82 -3.94 -21.48
O2B NAD E . -21.66 -3.91 -22.65
C1B NAD E . -20.07 -2.61 -21.27
N9A NAD E . -18.87 -2.49 -22.11
C8A NAD E . -17.93 -3.47 -22.39
N7A NAD E . -17.02 -3.08 -23.27
C5A NAD E . -17.39 -1.78 -23.61
C6A NAD E . -16.85 -0.83 -24.50
N6A NAD E . -15.74 -0.98 -25.24
N1A NAD E . -17.54 0.33 -24.64
C2A NAD E . -18.64 0.56 -23.86
N3A NAD E . -19.22 -0.26 -23.03
C4A NAD E . -18.56 -1.44 -22.94
O3 NAD E . -19.96 -6.28 -15.76
PN NAD E . -19.87 -5.63 -14.29
O1N NAD E . -19.72 -6.73 -13.35
O2N NAD E . -21.02 -4.73 -14.06
O5D NAD E . -18.51 -4.78 -14.43
C5D NAD E . -18.54 -3.33 -14.32
C4D NAD E . -17.11 -2.93 -13.96
O4D NAD E . -16.88 -3.55 -12.65
C3D NAD E . -16.01 -3.47 -14.86
O3D NAD E . -15.01 -2.46 -15.02
C2D NAD E . -15.43 -4.65 -14.07
O2D NAD E . -14.05 -4.88 -14.36
C1D NAD E . -15.59 -4.11 -12.64
N1N NAD E . -15.58 -5.14 -11.59
C2N NAD E . -16.60 -6.05 -11.55
C3N NAD E . -16.58 -7.01 -10.56
C7N NAD E . -17.63 -8.14 -10.34
O7N NAD E . -17.34 -9.06 -9.58
N7N NAD E . -18.81 -8.05 -10.98
C4N NAD E . -15.56 -7.10 -9.57
C5N NAD E . -14.57 -6.10 -9.70
C6N NAD E . -14.52 -5.10 -10.65
PA NAD F . 17.50 6.02 -20.81
O1A NAD F . 17.00 6.89 -21.87
O2A NAD F . 18.91 6.37 -20.52
O5B NAD F . 17.45 4.48 -21.27
C5B NAD F . 16.22 3.83 -21.72
C4B NAD F . 16.64 2.94 -22.90
O4B NAD F . 15.43 2.27 -23.37
C3B NAD F . 17.22 3.70 -24.11
O3B NAD F . 18.46 3.18 -24.58
C2B NAD F . 16.17 3.50 -25.21
O2B NAD F . 16.68 3.49 -26.53
C1B NAD F . 15.50 2.15 -24.78
N9A NAD F . 14.16 2.10 -25.39
C8A NAD F . 13.18 3.04 -25.44
N7A NAD F . 12.09 2.65 -26.13
C5A NAD F . 12.42 1.39 -26.57
C6A NAD F . 11.72 0.45 -27.36
N6A NAD F . 10.47 0.65 -27.84
N1A NAD F . 12.35 -0.72 -27.63
C2A NAD F . 13.61 -0.94 -27.13
N3A NAD F . 14.34 -0.14 -26.38
C4A NAD F . 13.69 1.03 -26.15
O3 NAD F . 16.53 6.00 -19.54
PN NAD F . 16.69 5.39 -18.08
O1N NAD F . 16.77 6.51 -17.12
O2N NAD F . 17.97 4.61 -18.13
O5D NAD F . 15.40 4.51 -17.85
C5D NAD F . 15.36 3.09 -17.66
C4D NAD F . 14.03 2.73 -17.02
O4D NAD F . 14.00 3.37 -15.71
C3D NAD F . 12.78 3.25 -17.77
O3D NAD F . 11.76 2.28 -17.66
C2D NAD F . 12.43 4.52 -16.99
O2D NAD F . 11.00 4.77 -17.09
C1D NAD F . 12.79 4.07 -15.57
N1N NAD F . 12.95 5.12 -14.55
C2N NAD F . 13.97 6.01 -14.67
C3N NAD F . 14.10 6.97 -13.70
C7N NAD F . 15.20 8.08 -13.66
O7N NAD F . 15.09 9.02 -12.89
N7N NAD F . 16.21 7.87 -14.54
C4N NAD F . 13.25 7.09 -12.57
C5N NAD F . 12.26 6.11 -12.55
C6N NAD F . 12.05 5.12 -13.48
PA NAD G . -9.74 16.81 19.92
O1A NAD G . -8.69 17.09 20.90
O2A NAD G . -10.56 17.96 19.48
O5B NAD G . -10.67 15.67 20.52
C5B NAD G . -10.16 14.41 21.02
C4B NAD G . -10.80 14.14 22.36
O4B NAD G . -10.22 12.91 22.89
C3B NAD G . -10.75 15.18 23.47
O3B NAD G . -12.07 15.53 23.88
C2B NAD G . -9.99 14.46 24.60
O2B NAD G . -10.44 14.80 25.90
C1B NAD G . -10.30 12.98 24.29
N9A NAD G . -9.31 12.09 24.90
C8A NAD G . -7.94 12.25 24.93
N7A NAD G . -7.34 11.31 25.64
C5A NAD G . -8.36 10.54 26.15
C6A NAD G . -8.37 9.40 26.98
N6A NAD G . -7.27 8.83 27.51
N1A NAD G . -9.57 8.86 27.28
C2A NAD G . -10.70 9.45 26.76
N3A NAD G . -10.81 10.50 26.00
C4A NAD G . -9.59 11.00 25.71
O3 NAD G . -9.04 16.13 18.64
PN NAD G . -9.62 15.60 17.21
O1N NAD G . -8.96 16.37 16.15
O2N NAD G . -11.07 15.71 17.15
O5D NAD G . -9.12 14.08 17.25
C5D NAD G . -10.04 13.00 16.97
C4D NAD G . -9.25 11.82 16.45
O4D NAD G . -8.88 12.16 15.08
C3D NAD G . -7.91 11.52 17.17
O3D NAD G . -7.76 10.10 17.20
C2D NAD G . -6.87 12.17 16.28
O2D NAD G . -5.57 11.57 16.36
C1D NAD G . -7.50 11.93 14.90
N1N NAD G . -6.99 12.80 13.83
C2N NAD G . -7.22 14.12 13.86
C3N NAD G . -6.71 14.91 12.85
C7N NAD G . -6.83 16.46 12.75
O7N NAD G . -6.16 17.06 11.93
N7N NAD G . -7.66 17.03 13.67
C4N NAD G . -6.01 14.39 11.74
C5N NAD G . -5.86 12.99 11.79
C6N NAD G . -6.31 12.14 12.76
PA NAD H . 13.54 -16.57 17.81
O1A NAD H . 12.73 -16.85 18.99
O2A NAD H . 14.29 -17.76 17.33
O5B NAD H . 14.54 -15.36 18.09
C5B NAD H . 14.08 -14.11 18.73
C4B NAD H . 15.04 -13.76 19.87
O4B NAD H . 14.55 -12.53 20.48
C3B NAD H . 15.17 -14.82 20.98
O3B NAD H . 16.52 -15.24 21.20
C2B NAD H . 14.65 -14.11 22.21
O2B NAD H . 15.26 -14.46 23.45
C1B NAD H . 14.89 -12.62 21.86
N9A NAD H . 14.05 -11.77 22.70
C8A NAD H . 12.69 -11.88 22.98
N7A NAD H . 12.24 -10.93 23.81
C5A NAD H . 13.36 -10.18 24.09
C6A NAD H . 13.57 -9.06 24.92
N6A NAD H . 12.58 -8.47 25.61
N1A NAD H . 14.82 -8.55 24.98
C2A NAD H . 15.83 -9.15 24.26
N3A NAD H . 15.74 -10.20 23.48
C4A NAD H . 14.48 -10.68 23.43
O3 NAD H . 12.54 -15.93 16.69
PN NAD H . 12.83 -15.38 15.20
O1N NAD H . 11.98 -16.15 14.26
O2N NAD H . 14.27 -15.52 14.91
O5D NAD H . 12.33 -13.86 15.30
C5D NAD H . 13.16 -12.77 14.89
C4D NAD H . 12.25 -11.63 14.48
O4D NAD H . 11.60 -11.99 13.21
C3D NAD H . 11.11 -11.30 15.46
O3D NAD H . 10.94 -9.90 15.47
C2D NAD H . 9.92 -12.02 14.82
O2D NAD H . 8.68 -11.37 15.15
C1D NAD H . 10.23 -11.85 13.34
N1N NAD H . 9.58 -12.77 12.40
C2N NAD H . 9.87 -14.09 12.39
C3N NAD H . 9.23 -14.88 11.47
C7N NAD H . 9.38 -16.42 11.28
O7N NAD H . 8.55 -16.92 10.52
N7N NAD H . 10.37 -17.01 11.97
C4N NAD H . 8.27 -14.42 10.53
C5N NAD H . 8.05 -13.04 10.65
C6N NAD H . 8.64 -12.16 11.52
#